data_2N5Y
#
_entry.id   2N5Y
#
_entity_poly.entity_id   1
_entity_poly.type   'polypeptide(L)'
_entity_poly.pdbx_seq_one_letter_code
;(4N3)(4FO)G(DSN)(DTR)S(DAB)(4FO)FEV(28J)A
;
_entity_poly.pdbx_strand_id   A
#
# COMPACT_ATOMS: atom_id res chain seq x y z
N 4N3 A 1 6.63 -3.75 5.18
CA 4N3 A 1 6.38 -2.92 4.00
CB 4N3 A 1 4.92 -2.47 3.93
CG1 4N3 A 1 3.99 -3.68 3.86
CG2 4N3 A 1 4.71 -1.55 2.74
C 4N3 A 1 6.74 -3.68 2.73
O 4N3 A 1 6.36 -4.79 2.45
CO1 4N3 A 1 7.87 -4.04 5.59
O2 4N3 A 1 8.53 -4.94 5.10
CD 4N3 A 1 8.43 -3.17 6.72
CE 4N3 A 1 7.77 -3.56 8.06
CF 4N3 A 1 8.51 -4.76 8.67
CH 4N3 A 1 8.36 -4.73 10.20
CI 4N3 A 1 9.30 -3.66 10.78
CJ 4N3 A 1 10.72 -4.24 10.89
CK 4N3 A 1 11.75 -3.09 10.80
H1 4N3 A 1 5.86 -4.10 5.68
HA 4N3 A 1 7.01 -2.05 4.08
HB 4N3 A 1 4.69 -1.93 4.83
HG13 4N3 A 1 3.04 -3.42 4.32
HG11 4N3 A 1 4.44 -4.51 4.38
HG12 4N3 A 1 3.84 -3.94 2.82
HG22 4N3 A 1 3.83 -0.93 2.92
HG23 4N3 A 1 4.55 -2.14 1.85
HG21 4N3 A 1 5.57 -0.92 2.62
HD2 4N3 A 1 9.51 -3.32 6.80
HD1 4N3 A 1 8.23 -2.12 6.51
HE1 4N3 A 1 7.80 -2.72 8.74
HE2 4N3 A 1 6.72 -3.83 7.88
HF2 4N3 A 1 9.57 -4.71 8.41
HF1 4N3 A 1 8.08 -5.69 8.28
HH1 4N3 A 1 8.61 -5.71 10.60
HH2 4N3 A 1 7.33 -4.49 10.46
HI1 4N3 A 1 9.30 -2.80 10.14
HI2 4N3 A 1 8.95 -3.39 11.78
HJ1 4N3 A 1 10.90 -4.95 10.08
HJ2 4N3 A 1 10.84 -4.76 11.84
HK3 4N3 A 1 12.72 -3.50 10.52
HK2 4N3 A 1 11.82 -2.60 11.77
HK1 4N3 A 1 11.43 -2.38 10.04
N 4FO A 2 7.54 -3.02 1.84
CA 4FO A 2 7.90 -3.53 0.51
C 4FO A 2 6.81 -3.22 -0.51
O 4FO A 2 6.56 -4.02 -1.40
CB 4FO A 2 9.26 -2.96 0.05
CG 4FO A 2 9.34 -1.45 -0.32
NZ 4FO A 2 10.66 -1.07 -0.97
H2 4FO A 2 7.84 -2.08 2.12
HA 4FO A 2 7.98 -4.64 0.54
HB2 4FO A 2 10.03 -3.16 0.83
HB3 4FO A 2 9.56 -3.54 -0.86
HG3 4FO A 2 9.15 -0.80 0.56
HG2 4FO A 2 8.55 -1.24 -1.08
HZ3 4FO A 2 11.21 -1.92 -1.21
HZ2 4FO A 2 10.50 -0.45 -1.79
HZ1 4FO A 2 11.21 -0.53 -0.25
N GLY A 3 6.20 -2.05 -0.39
CA GLY A 3 5.15 -1.65 -1.32
C GLY A 3 5.49 -0.39 -2.07
N DSN A 4 6.39 0.41 -1.51
CA DSN A 4 6.80 1.67 -2.12
C DSN A 4 5.86 2.80 -1.74
O DSN A 4 5.31 3.49 -2.60
CB DSN A 4 8.24 2.02 -1.71
OG DSN A 4 8.78 3.01 -2.55
H DSN A 4 6.79 0.14 -0.65
HA DSN A 4 6.77 1.54 -3.20
HB2 DSN A 4 8.85 1.13 -1.78
HB3 DSN A 4 8.24 2.38 -0.70
HG DSN A 4 8.78 3.86 -2.09
N DTR A 5 5.67 2.98 -0.44
CA DTR A 5 4.78 4.03 0.07
CB DTR A 5 4.80 4.05 1.59
CG DTR A 5 3.79 3.13 2.20
CD1 DTR A 5 3.59 1.81 1.92
NE1 DTR A 5 2.58 1.30 2.69
CE2 DTR A 5 2.09 2.29 3.49
CZ2 DTR A 5 1.07 2.26 4.43
CH2 DTR A 5 0.79 3.43 5.11
CZ3 DTR A 5 1.51 4.60 4.85
CE3 DTR A 5 2.52 4.63 3.92
CD2 DTR A 5 2.83 3.46 3.22
C DTR A 5 3.36 3.84 -0.44
O DTR A 5 3.09 2.93 -1.23
H DTR A 5 6.13 2.40 0.20
HA DTR A 5 5.16 4.98 -0.29
HB2 DTR A 5 4.60 5.05 1.94
HB3 DTR A 5 5.78 3.74 1.94
HD1 DTR A 5 4.18 1.25 1.19
HE1 DTR A 5 2.25 0.37 2.65
HZ2 DTR A 5 0.50 1.37 4.64
HH2 DTR A 5 0.00 3.44 5.84
HZ3 DTR A 5 1.26 5.49 5.40
HE3 DTR A 5 3.07 5.55 3.74
N SER A 6 2.46 4.69 0.02
CA SER A 6 1.05 4.60 -0.39
C SER A 6 0.85 5.22 -1.77
N DAB A 7 0.53 4.37 -2.77
CA DAB A 7 0.18 4.78 -4.14
C DAB A 7 -1.19 4.27 -4.54
O DAB A 7 -1.59 4.21 -5.68
CB DAB A 7 1.26 4.29 -5.15
CG DAB A 7 2.74 4.30 -4.70
ND DAB A 7 3.67 3.71 -5.74
H DAB A 7 0.44 3.38 -2.50
HA DAB A 7 0.14 5.89 -4.20
HB2 DAB A 7 1.16 4.86 -6.10
HB3 DAB A 7 1.00 3.23 -5.40
HG2 DAB A 7 2.84 3.67 -3.80
HG3 DAB A 7 3.08 5.33 -4.44
HD1 DAB A 7 4.03 4.46 -6.38
HD2 DAB A 7 4.50 3.30 -5.26
HZ1 DAB A 7 3.19 2.94 -6.28
N 4FO A 8 -2.00 3.83 -3.54
CA 4FO A 8 -3.32 3.20 -3.76
C 4FO A 8 -3.18 1.90 -4.55
O 4FO A 8 -3.58 1.84 -5.71
CB 4FO A 8 -4.04 2.94 -2.41
CG 4FO A 8 -4.50 4.16 -1.57
NZ 4FO A 8 -5.90 4.62 -1.93
H2 4FO A 8 -1.62 3.89 -2.60
HA 4FO A 8 -3.98 3.87 -4.37
HB2 4FO A 8 -4.91 2.27 -2.58
HB3 4FO A 8 -3.32 2.36 -1.78
HG3 4FO A 8 -3.79 5.01 -1.67
HG2 4FO A 8 -4.53 3.86 -0.49
HZ3 4FO A 8 -6.61 3.92 -1.64
HZ2 4FO A 8 -6.09 5.57 -1.53
HZ1 4FO A 8 -5.95 4.70 -2.98
N PHE A 9 -2.63 0.87 -3.91
CA PHE A 9 -2.46 -0.42 -4.57
C PHE A 9 -3.00 -1.55 -3.70
N GLU A 10 -2.76 -1.44 -2.39
CA GLU A 10 -3.23 -2.46 -1.45
C GLU A 10 -3.51 -1.84 -0.08
N VAL A 11 -4.61 -1.11 0.01
CA VAL A 11 -4.99 -0.46 1.26
C VAL A 11 -6.40 -0.89 1.69
N 28J A 12 -6.57 -1.10 3.03
CA 28J A 12 -7.82 -1.61 3.61
CB 28J A 12 -8.97 -0.61 3.42
CG2 28J A 12 -10.31 -1.24 3.84
CG1 28J A 12 -8.69 0.70 4.19
CD1 28J A 12 -9.62 1.86 3.81
C 28J A 12 -7.61 -2.04 5.07
O 28J A 12 -7.39 -1.22 5.96
H 28J A 12 -5.76 -0.95 3.62
HA 28J A 12 -8.10 -2.56 3.09
H22 28J A 12 -9.04 -0.36 2.33
H23 28J A 12 -10.42 -1.29 4.94
H24 28J A 12 -11.18 -0.64 3.47
H25 28J A 12 -10.43 -2.27 3.44
H26 28J A 12 -8.75 0.52 5.29
H27 28J A 12 -7.64 1.01 3.98
H28 28J A 12 -9.43 2.76 4.44
H29 28J A 12 -9.46 2.16 2.75
H30 28J A 12 -10.69 1.57 3.93
N ALA A 13 -7.71 -3.35 5.30
CA ALA A 13 -7.54 -3.90 6.63
C ALA A 13 -6.29 -4.77 6.72
N 4N3 A 1 5.81 -1.50 7.09
CA 4N3 A 1 5.53 -1.39 5.67
CB 4N3 A 1 4.25 -0.59 5.40
CG1 4N3 A 1 3.07 -1.19 6.16
CG2 4N3 A 1 3.96 -0.51 3.92
C 4N3 A 1 5.38 -2.78 5.04
O 4N3 A 1 4.80 -3.71 5.53
CO1 4N3 A 1 6.66 -0.67 7.70
O2 4N3 A 1 7.84 -0.95 7.89
CD 4N3 A 1 6.08 0.69 8.16
CE 4N3 A 1 6.43 0.92 9.64
CF 4N3 A 1 5.64 2.14 10.16
CH 4N3 A 1 6.16 2.51 11.57
CI 4N3 A 1 5.93 4.01 11.81
CJ 4N3 A 1 4.43 4.27 12.09
CK 4N3 A 1 4.18 5.79 12.18
H1 4N3 A 1 5.37 -2.20 7.62
HA 4N3 A 1 6.36 -0.89 5.20
HB 4N3 A 1 4.40 0.42 5.77
HG13 4N3 A 1 3.31 -2.19 6.47
HG11 4N3 A 1 2.21 -1.22 5.51
HG12 4N3 A 1 2.84 -0.58 7.02
HG22 4N3 A 1 3.53 0.46 3.68
HG23 4N3 A 1 3.25 -1.28 3.64
HG21 4N3 A 1 4.88 -0.65 3.37
HD2 4N3 A 1 6.50 1.48 7.55
HD1 4N3 A 1 4.99 0.68 8.03
HE1 4N3 A 1 6.16 0.04 10.22
HE2 4N3 A 1 7.49 1.11 9.74
HF2 4N3 A 1 4.58 1.89 10.22
HF1 4N3 A 1 5.79 2.98 9.49
HH1 4N3 A 1 7.21 2.28 11.64
HH2 4N3 A 1 5.61 1.94 12.32
HI1 4N3 A 1 6.52 4.34 12.67
HI2 4N3 A 1 6.24 4.58 10.93
HJ1 4N3 A 1 4.15 3.79 13.02
HJ2 4N3 A 1 3.84 3.87 11.27
HK3 4N3 A 1 4.49 6.27 11.25
HK2 4N3 A 1 4.77 6.20 13.01
HK1 4N3 A 1 3.13 5.97 12.35
N 4FO A 2 5.96 -2.94 3.82
CA 4FO A 2 5.84 -4.17 3.01
C 4FO A 2 4.69 -4.05 2.01
O 4FO A 2 3.90 -4.98 1.89
CB 4FO A 2 7.17 -4.47 2.26
CG 4FO A 2 7.91 -3.31 1.57
NZ 4FO A 2 8.84 -2.55 2.50
H2 4FO A 2 6.45 -2.13 3.44
HA 4FO A 2 5.60 -5.04 3.66
HB2 4FO A 2 7.88 -4.97 2.98
HB3 4FO A 2 6.93 -5.23 1.49
HG3 4FO A 2 7.20 -2.59 1.10
HG2 4FO A 2 8.55 -3.73 0.76
HZ3 4FO A 2 9.60 -2.08 1.96
HZ2 4FO A 2 8.30 -1.87 3.09
HZ1 4FO A 2 9.29 -3.25 3.13
N GLY A 3 4.62 -2.92 1.31
CA GLY A 3 3.57 -2.73 0.34
C GLY A 3 4.10 -2.36 -1.03
N DSN A 4 5.15 -1.54 -1.06
CA DSN A 4 5.76 -1.11 -2.31
C DSN A 4 5.35 0.32 -2.65
O DSN A 4 6.11 1.05 -3.29
CB DSN A 4 7.29 -1.22 -2.22
OG DSN A 4 7.88 -1.02 -3.49
H DSN A 4 5.52 -1.21 -0.21
HA DSN A 4 5.40 -1.77 -3.09
HB2 DSN A 4 7.55 -2.19 -1.85
HB3 DSN A 4 7.65 -0.46 -1.55
HG DSN A 4 8.54 -1.70 -3.64
N DTR A 5 4.15 0.70 -2.23
CA DTR A 5 3.65 2.05 -2.50
CB DTR A 5 3.88 2.95 -1.28
CG DTR A 5 2.72 2.94 -0.32
CD1 DTR A 5 2.14 1.84 0.26
NE1 DTR A 5 1.12 2.24 1.09
CE2 DTR A 5 1.03 3.61 1.07
CZ2 DTR A 5 0.17 4.47 1.74
CH2 DTR A 5 0.30 5.81 1.53
CZ3 DTR A 5 1.28 6.31 0.66
CE3 DTR A 5 2.14 5.46 -0.01
CD2 DTR A 5 2.04 4.08 0.19
C DTR A 5 2.17 2.01 -2.84
O DTR A 5 1.56 0.94 -2.90
H DTR A 5 3.60 0.07 -1.73
HA DTR A 5 4.18 2.45 -3.34
HB2 DTR A 5 4.02 3.96 -1.62
HB3 DTR A 5 4.76 2.61 -0.76
HD1 DTR A 5 2.45 0.83 0.07
HE1 DTR A 5 0.55 1.64 1.62
HZ2 DTR A 5 -0.60 4.10 2.41
HH2 DTR A 5 -0.35 6.51 2.02
HZ3 DTR A 5 1.36 7.37 0.52
HE3 DTR A 5 2.90 5.86 -0.67
N SER A 6 1.58 3.18 -3.08
CA SER A 6 0.16 3.28 -3.42
C SER A 6 -0.05 3.08 -4.91
N DAB A 7 0.21 1.84 -5.40
CA DAB A 7 -0.04 1.42 -6.79
C DAB A 7 -1.42 0.82 -6.94
O DAB A 7 -2.07 0.84 -7.95
CB DAB A 7 1.05 0.42 -7.26
CG DAB A 7 2.53 0.88 -7.27
ND DAB A 7 2.70 2.33 -7.70
H DAB A 7 0.53 1.15 -4.71
HA DAB A 7 0.00 2.31 -7.46
HB2 DAB A 7 0.78 0.05 -8.28
HB3 DAB A 7 0.98 -0.47 -6.58
HG2 DAB A 7 3.09 0.27 -8.02
HG3 DAB A 7 3.01 0.73 -6.28
HD1 DAB A 7 2.20 2.96 -7.03
HD2 DAB A 7 3.71 2.55 -7.66
HZ1 DAB A 7 2.35 2.46 -8.68
N 4FO A 8 -1.95 0.21 -5.85
CA 4FO A 8 -3.23 -0.54 -5.85
C 4FO A 8 -3.04 -1.97 -5.35
O 4FO A 8 -3.11 -2.91 -6.12
CB 4FO A 8 -4.29 0.21 -5.00
CG 4FO A 8 -4.92 1.50 -5.57
NZ 4FO A 8 -6.03 1.23 -6.56
H2 4FO A 8 -1.37 0.20 -5.01
HA 4FO A 8 -3.62 -0.63 -6.90
HB2 4FO A 8 -5.11 -0.51 -4.74
HB3 4FO A 8 -3.80 0.47 -4.03
HG3 4FO A 8 -4.14 2.16 -6.02
HG2 4FO A 8 -5.37 2.07 -4.72
HZ3 4FO A 8 -6.87 0.87 -6.07
HZ2 4FO A 8 -6.24 2.10 -7.11
HZ1 4FO A 8 -5.69 0.50 -7.22
N PHE A 9 -2.81 -2.11 -4.04
CA PHE A 9 -2.62 -3.44 -3.45
C PHE A 9 -3.54 -3.63 -2.25
N GLU A 10 -4.74 -3.07 -2.34
CA GLU A 10 -5.72 -3.17 -1.26
C GLU A 10 -5.20 -2.52 0.01
N VAL A 11 -4.84 -1.24 -0.09
CA VAL A 11 -4.33 -0.50 1.05
C VAL A 11 -5.44 0.30 1.73
N 28J A 12 -5.38 0.38 3.09
CA 28J A 12 -6.42 1.01 3.92
CB 28J A 12 -6.44 2.55 3.71
CG2 28J A 12 -7.82 3.12 4.05
CG1 28J A 12 -5.32 3.21 4.54
CD1 28J A 12 -5.04 4.67 4.14
C 28J A 12 -6.28 0.61 5.39
O 28J A 12 -5.19 0.45 5.92
H 28J A 12 -4.59 -0.09 3.53
HA 28J A 12 -7.41 0.62 3.61
H22 28J A 12 -6.23 2.76 2.63
H23 28J A 12 -7.93 3.33 5.14
H24 28J A 12 -8.00 4.09 3.51
H25 28J A 12 -8.63 2.43 3.75
H26 28J A 12 -5.57 3.17 5.63
H27 28J A 12 -4.37 2.64 4.40
H28 28J A 12 -4.26 4.75 3.35
H29 28J A 12 -5.96 5.15 3.74
H30 28J A 12 -4.70 5.27 5.02
N ALA A 13 -7.43 0.44 6.03
CA ALA A 13 -7.46 0.04 7.44
C ALA A 13 -6.93 -1.38 7.63
N 4N3 A 1 8.09 -2.28 4.05
CA 4N3 A 1 7.48 -1.19 3.30
CB 4N3 A 1 5.99 -1.04 3.66
CG1 4N3 A 1 5.22 -2.30 3.29
CG2 4N3 A 1 5.39 0.18 2.97
C 4N3 A 1 7.61 -1.41 1.80
O 4N3 A 1 7.48 -2.48 1.23
CO1 4N3 A 1 7.96 -2.38 5.37
O2 4N3 A 1 7.17 -3.16 5.90
CD 4N3 A 1 8.86 -1.47 6.22
CE 4N3 A 1 9.69 -2.34 7.19
CF 4N3 A 1 10.98 -2.78 6.51
CH 4N3 A 1 10.76 -4.12 5.79
CI 4N3 A 1 10.79 -5.27 6.81
CJ 4N3 A 1 10.37 -6.59 6.13
CK 4N3 A 1 11.43 -6.98 5.08
H1 4N3 A 1 8.62 -2.96 3.57
HA 4N3 A 1 7.98 -0.27 3.57
HB 4N3 A 1 5.90 -0.91 4.72
HG13 4N3 A 1 4.79 -2.18 2.30
HG11 4N3 A 1 4.43 -2.47 4.00
HG12 4N3 A 1 5.89 -3.15 3.29
HG22 4N3 A 1 4.45 0.42 3.42
HG23 4N3 A 1 5.24 -0.04 1.92
HG21 4N3 A 1 6.07 1.01 3.07
HD2 4N3 A 1 9.53 -0.92 5.57
HD1 4N3 A 1 8.24 -0.78 6.79
HE1 4N3 A 1 9.92 -1.75 8.09
HE2 4N3 A 1 9.11 -3.21 7.48
HF2 4N3 A 1 11.78 -2.90 7.25
HF1 4N3 A 1 11.30 -2.03 5.78
HH1 4N3 A 1 11.54 -4.28 5.05
HH2 4N3 A 1 9.78 -4.11 5.30
HI1 4N3 A 1 11.79 -5.37 7.22
HI2 4N3 A 1 10.09 -5.05 7.63
HJ1 4N3 A 1 9.40 -6.45 5.64
HJ2 4N3 A 1 10.29 -7.37 6.88
HK3 4N3 A 1 11.44 -6.24 4.28
HK2 4N3 A 1 11.19 -7.96 4.67
HK1 4N3 A 1 12.40 -7.02 5.56
N 4FO A 2 7.89 -0.31 1.06
CA 4FO A 2 7.96 -0.30 -0.41
C 4FO A 2 6.92 0.66 -1.00
O 4FO A 2 6.14 0.27 -1.87
CB 4FO A 2 9.38 0.08 -0.90
CG 4FO A 2 9.95 1.46 -0.49
NZ 4FO A 2 9.63 2.55 -1.51
H2 4FO A 2 7.99 0.56 1.57
HA 4FO A 2 7.70 -1.31 -0.82
HB2 4FO A 2 10.09 -0.72 -0.59
HB3 4FO A 2 9.35 0.04 -2.03
HG3 4FO A 2 11.06 1.41 -0.34
HG2 4FO A 2 9.49 1.76 0.47
HZ3 4FO A 2 8.61 2.55 -1.73
HZ2 4FO A 2 9.95 3.47 -1.15
HZ1 4FO A 2 10.15 2.33 -2.38
N GLY A 3 6.92 1.91 -0.54
CA GLY A 3 5.98 2.89 -1.04
C GLY A 3 6.30 3.32 -2.47
N DSN A 4 6.02 4.58 -2.78
CA DSN A 4 6.28 5.11 -4.11
C DSN A 4 4.99 5.27 -4.89
O DSN A 4 4.89 6.11 -5.79
CB DSN A 4 7.00 6.46 -4.01
OG DSN A 4 7.42 6.91 -5.28
H DSN A 4 5.63 5.17 -2.09
HA DSN A 4 6.92 4.41 -4.63
HB2 DSN A 4 7.87 6.35 -3.37
HB3 DSN A 4 6.33 7.18 -3.58
HG DSN A 4 7.65 6.15 -5.83
N DTR A 5 3.99 4.47 -4.55
CA DTR A 5 2.69 4.52 -5.22
CB DTR A 5 2.05 5.90 -5.02
CG DTR A 5 1.18 5.98 -3.80
CD1 DTR A 5 1.53 5.64 -2.53
NE1 DTR A 5 0.47 5.85 -1.67
CE2 DTR A 5 -0.60 6.32 -2.40
CZ2 DTR A 5 -1.87 6.68 -1.99
CH2 DTR A 5 -2.74 7.13 -2.94
CZ3 DTR A 5 -2.37 7.23 -4.29
CE3 DTR A 5 -1.09 6.88 -4.70
CD2 DTR A 5 -0.19 6.41 -3.74
C DTR A 5 1.76 3.42 -4.69
O DTR A 5 2.15 2.63 -3.85
H DTR A 5 4.13 3.82 -3.82
HA DTR A 5 2.86 4.36 -6.27
HB2 DTR A 5 1.44 6.13 -5.88
HB3 DTR A 5 2.83 6.64 -4.92
HD1 DTR A 5 2.50 5.26 -2.23
HE1 DTR A 5 0.47 5.68 -0.71
HZ2 DTR A 5 -2.19 6.60 -0.96
HH2 DTR A 5 -3.75 7.41 -2.67
HZ3 DTR A 5 -3.08 7.59 -5.01
HE3 DTR A 5 -0.81 6.96 -5.74
N SER A 6 0.54 3.40 -5.21
CA SER A 6 -0.44 2.42 -4.79
C SER A 6 -0.26 1.11 -5.56
N DAB A 7 0.40 0.12 -4.91
CA DAB A 7 0.58 -1.24 -5.44
C DAB A 7 -0.21 -2.26 -4.63
O DAB A 7 -0.67 -3.29 -5.08
CB DAB A 7 2.08 -1.62 -5.48
CG DAB A 7 3.11 -0.53 -5.82
ND DAB A 7 4.51 -1.08 -6.05
H DAB A 7 0.71 0.34 -3.97
HA DAB A 7 0.19 -1.30 -6.48
HB2 DAB A 7 2.23 -2.49 -6.17
HB3 DAB A 7 2.34 -2.01 -4.46
HG2 DAB A 7 3.20 0.17 -4.95
HG3 DAB A 7 2.80 0.07 -6.70
HD1 DAB A 7 4.49 -2.12 -6.07
HD2 DAB A 7 4.83 -0.75 -7.00
HZ1 DAB A 7 5.18 -0.71 -5.34
N 4FO A 8 -0.39 -1.99 -3.31
CA 4FO A 8 -1.03 -2.91 -2.35
C 4FO A 8 -0.14 -3.14 -1.15
O 4FO A 8 0.43 -4.23 -1.00
CB 4FO A 8 -2.42 -2.38 -1.91
CG 4FO A 8 -3.48 -2.10 -3.00
NZ 4FO A 8 -4.87 -2.56 -2.61
H2 4FO A 8 0.01 -1.12 -2.98
HA 4FO A 8 -1.19 -3.91 -2.83
HB2 4FO A 8 -2.85 -3.07 -1.16
HB3 4FO A 8 -2.23 -1.42 -1.38
HG3 4FO A 8 -3.20 -2.56 -3.98
HG2 4FO A 8 -3.55 -1.00 -3.16
HZ3 4FO A 8 -4.81 -3.28 -1.85
HZ2 4FO A 8 -5.47 -1.76 -2.33
HZ1 4FO A 8 -5.30 -3.02 -3.45
N PHE A 9 -0.03 -2.15 -0.28
CA PHE A 9 0.78 -2.27 0.93
C PHE A 9 0.05 -1.71 2.14
N GLU A 10 -0.64 -0.59 1.94
CA GLU A 10 -1.38 0.05 3.02
C GLU A 10 -2.60 0.79 2.48
N VAL A 11 -3.67 0.05 2.21
CA VAL A 11 -4.90 0.63 1.69
C VAL A 11 -6.09 0.30 2.58
N 28J A 12 -5.80 -0.07 3.86
CA 28J A 12 -6.80 -0.53 4.82
CB 28J A 12 -7.76 0.61 5.22
CG2 28J A 12 -9.00 0.08 5.95
CG1 28J A 12 -7.01 1.68 6.04
CD1 28J A 12 -6.15 2.64 5.21
C 28J A 12 -6.16 -1.21 6.03
O 28J A 12 -5.03 -0.92 6.40
H 28J A 12 -4.81 -0.09 4.10
HA 28J A 12 -7.42 -1.34 4.35
H22 28J A 12 -8.11 1.11 4.28
H23 28J A 12 -8.79 -0.11 7.03
H24 28J A 12 -9.84 0.80 5.92
H25 28J A 12 -9.35 -0.88 5.50
H26 28J A 12 -7.74 2.27 6.64
H27 28J A 12 -6.34 1.17 6.78
H28 28J A 12 -6.23 3.68 5.58
H29 28J A 12 -5.07 2.35 5.25
H30 28J A 12 -6.46 2.63 4.14
N ALA A 13 -6.91 -2.14 6.62
CA ALA A 13 -6.44 -2.87 7.79
C ALA A 13 -7.37 -4.02 8.13
N 4N3 A 1 5.30 -2.49 5.47
CA 4N3 A 1 4.67 -2.39 4.16
CB 4N3 A 1 3.27 -3.03 4.17
CG1 4N3 A 1 3.35 -4.49 4.60
CG2 4N3 A 1 2.63 -2.92 2.78
C 4N3 A 1 5.51 -3.04 3.08
O 4N3 A 1 5.86 -4.18 3.07
CO1 4N3 A 1 6.56 -2.12 5.67
O2 4N3 A 1 7.23 -1.54 4.82
CD 4N3 A 1 7.15 -2.44 7.06
CE 4N3 A 1 8.23 -3.53 6.93
CF 4N3 A 1 9.58 -2.88 6.54
CH 4N3 A 1 10.19 -2.21 7.78
CI 4N3 A 1 10.86 -3.29 8.66
CJ 4N3 A 1 11.75 -2.61 9.72
CK 4N3 A 1 13.14 -2.33 9.12
H1 4N3 A 1 4.79 -2.87 6.22
HA 4N3 A 1 4.56 -1.33 3.94
HB 4N3 A 1 2.64 -2.49 4.86
HG13 4N3 A 1 4.39 -4.75 4.79
HG11 4N3 A 1 2.94 -5.12 3.84
HG12 4N3 A 1 2.79 -4.62 5.52
HG22 4N3 A 1 1.59 -2.67 2.88
HG23 4N3 A 1 2.73 -3.87 2.27
HG21 4N3 A 1 3.14 -2.16 2.22
HD2 4N3 A 1 7.61 -1.53 7.47
HD1 4N3 A 1 6.37 -2.78 7.72
HE1 4N3 A 1 8.33 -4.06 7.87
HE2 4N3 A 1 7.93 -4.23 6.14
HF2 4N3 A 1 9.41 -2.14 5.77
HF1 4N3 A 1 10.25 -3.66 6.17
HH1 4N3 A 1 9.41 -1.72 8.35
HH2 4N3 A 1 10.94 -1.49 7.47
HI1 4N3 A 1 10.09 -3.88 9.16
HI2 4N3 A 1 11.47 -3.94 8.04
HJ1 4N3 A 1 11.85 -3.26 10.58
HJ2 4N3 A 1 11.29 -1.66 10.02
HK3 4N3 A 1 13.89 -2.34 9.91
HK2 4N3 A 1 13.14 -1.35 8.65
HK1 4N3 A 1 13.38 -3.09 8.38
N 4FO A 2 5.91 -2.22 2.06
CA 4FO A 2 6.64 -2.68 0.87
C 4FO A 2 5.82 -2.48 -0.39
O 4FO A 2 5.75 -3.37 -1.24
CB 4FO A 2 8.01 -1.97 0.75
CG 4FO A 2 8.03 -0.45 0.51
NZ 4FO A 2 9.39 0.18 0.80
H2 4FO A 2 5.59 -1.26 2.11
HA 4FO A 2 6.82 -3.79 0.94
HB2 4FO A 2 8.62 -2.20 1.66
HB3 4FO A 2 8.55 -2.46 -0.11
HG3 4FO A 2 7.24 0.07 1.12
HG2 4FO A 2 7.81 -0.25 -0.56
HZ3 4FO A 2 9.46 0.45 1.81
HZ2 4FO A 2 10.14 -0.47 0.51
HZ1 4FO A 2 9.45 1.06 0.23
N GLY A 3 5.21 -1.30 -0.53
CA GLY A 3 4.42 -1.01 -1.72
C GLY A 3 4.46 0.46 -2.09
N DSN A 4 5.66 1.02 -2.15
CA DSN A 4 5.83 2.43 -2.49
C DSN A 4 5.48 3.32 -1.31
O DSN A 4 6.34 4.03 -0.78
CB DSN A 4 7.27 2.69 -2.94
OG DSN A 4 7.77 1.61 -3.71
H DSN A 4 6.45 0.48 -1.95
HA DSN A 4 5.16 2.66 -3.31
HB2 DSN A 4 7.90 2.82 -2.08
HB3 DSN A 4 7.29 3.59 -3.54
HG DSN A 4 7.42 1.68 -4.60
N DTR A 5 4.22 3.30 -0.90
CA DTR A 5 3.75 4.11 0.22
CB DTR A 5 4.44 3.67 1.51
CG DTR A 5 3.73 2.56 2.22
CD1 DTR A 5 3.30 1.39 1.67
NE1 DTR A 5 2.68 0.62 2.63
CE2 DTR A 5 2.70 1.30 3.82
CZ2 DTR A 5 2.20 0.94 5.07
CH2 DTR A 5 2.36 1.83 6.10
CZ3 DTR A 5 3.00 3.07 5.90
CE3 DTR A 5 3.49 3.42 4.66
CD2 DTR A 5 3.34 2.53 3.60
C DTR A 5 2.23 4.01 0.37
O DTR A 5 1.57 3.38 -0.44
H DTR A 5 3.58 2.72 -1.37
HA DTR A 5 4.02 5.14 0.01
HB2 DTR A 5 4.49 4.52 2.18
HB3 DTR A 5 5.45 3.33 1.28
HD1 DTR A 5 3.44 1.11 0.63
HE1 DTR A 5 2.30 -0.27 2.49
HZ2 DTR A 5 1.71 0.00 5.24
HH2 DTR A 5 1.99 1.59 7.08
HZ3 DTR A 5 3.10 3.73 6.74
HE3 DTR A 5 3.98 4.38 4.54
N SER A 6 1.71 4.64 1.41
CA SER A 6 0.27 4.62 1.68
C SER A 6 -0.45 5.61 0.78
N DAB A 7 -1.27 5.07 -0.16
CA DAB A 7 -2.14 5.86 -1.06
C DAB A 7 -3.30 5.02 -1.57
O DAB A 7 -3.87 5.21 -2.62
CB DAB A 7 -1.33 6.45 -2.24
CG DAB A 7 -0.40 7.65 -1.97
ND DAB A 7 -0.06 8.44 -3.23
H DAB A 7 -1.32 4.05 -0.19
HA DAB A 7 -2.59 6.71 -0.49
HB2 DAB A 7 -2.03 6.71 -3.07
HB3 DAB A 7 -0.69 5.61 -2.63
HG2 DAB A 7 0.57 7.28 -1.57
HG3 DAB A 7 -0.84 8.34 -1.22
HD1 DAB A 7 -0.15 9.46 -3.06
HD2 DAB A 7 0.93 8.24 -3.47
HZ1 DAB A 7 -0.67 8.11 -4.03
N 4FO A 8 -3.70 3.97 -0.80
CA 4FO A 8 -4.73 2.99 -1.19
C 4FO A 8 -4.32 2.25 -2.45
O 4FO A 8 -4.78 2.58 -3.54
CB 4FO A 8 -5.01 2.00 -0.04
CG 4FO A 8 -5.71 2.52 1.24
NZ 4FO A 8 -7.22 2.38 1.18
H2 4FO A 8 -3.20 3.85 0.09
HA 4FO A 8 -5.68 3.52 -1.44
HB2 4FO A 8 -5.59 1.13 -0.44
HB3 4FO A 8 -4.02 1.59 0.28
HG3 4FO A 8 -5.44 3.58 1.45
HG2 4FO A 8 -5.38 1.91 2.10
HZ3 4FO A 8 -7.57 1.73 1.91
HZ2 4FO A 8 -7.68 3.32 1.25
HZ1 4FO A 8 -7.48 1.97 0.25
N PHE A 9 -3.46 1.23 -2.30
CA PHE A 9 -3.01 0.45 -3.44
C PHE A 9 -3.57 -0.97 -3.39
N GLU A 10 -4.89 -1.08 -3.46
CA GLU A 10 -5.55 -2.37 -3.41
C GLU A 10 -5.13 -3.15 -2.16
N VAL A 11 -5.11 -2.46 -1.03
CA VAL A 11 -4.73 -3.08 0.23
C VAL A 11 -5.88 -3.92 0.80
N 28J A 12 -5.59 -5.22 1.08
CA 28J A 12 -6.59 -6.20 1.52
CB 28J A 12 -7.45 -6.68 0.33
CG2 28J A 12 -8.52 -5.64 -0.04
CG1 28J A 12 -6.54 -7.05 -0.87
CD1 28J A 12 -7.33 -7.55 -2.10
C 28J A 12 -7.43 -5.66 2.68
O 28J A 12 -7.10 -4.63 3.29
H 28J A 12 -4.63 -5.52 0.88
HA 28J A 12 -6.06 -7.09 1.95
H22 28J A 12 -7.97 -7.62 0.65
H23 28J A 12 -9.03 -5.24 0.86
H24 28J A 12 -8.07 -4.77 -0.56
H25 28J A 12 -9.28 -6.08 -0.72
H26 28J A 12 -5.93 -6.17 -1.16
H27 28J A 12 -5.84 -7.86 -0.57
H28 28J A 12 -7.43 -6.76 -2.86
H29 28J A 12 -6.80 -8.41 -2.58
H30 28J A 12 -8.34 -7.90 -1.82
N ALA A 13 -8.51 -6.35 2.97
CA ALA A 13 -9.42 -5.96 4.05
C ALA A 13 -8.90 -6.45 5.40
N 4N3 A 1 6.76 -3.69 5.58
CA 4N3 A 1 5.91 -2.56 5.24
CB 4N3 A 1 4.93 -2.23 6.38
CG1 4N3 A 1 4.02 -3.42 6.66
CG2 4N3 A 1 4.12 -0.99 6.04
C 4N3 A 1 5.14 -2.82 3.96
O 4N3 A 1 4.37 -3.73 3.79
CO1 4N3 A 1 8.04 -3.75 5.23
O2 4N3 A 1 8.41 -3.72 4.05
CD 4N3 A 1 9.07 -3.84 6.37
CE 4N3 A 1 8.77 -2.74 7.41
CF 4N3 A 1 9.01 -1.35 6.79
CH 4N3 A 1 8.62 -0.27 7.80
CI 4N3 A 1 8.79 1.12 7.16
CJ 4N3 A 1 10.23 1.62 7.42
CK 4N3 A 1 10.58 2.71 6.38
H1 4N3 A 1 6.38 -4.44 6.09
HA 4N3 A 1 6.55 -1.70 5.09
HB 4N3 A 1 5.50 -2.02 7.28
HG13 4N3 A 1 3.03 -3.21 6.28
HG11 4N3 A 1 3.98 -3.60 7.72
HG12 4N3 A 1 4.41 -4.29 6.16
HG22 4N3 A 1 3.69 -0.58 6.94
HG23 4N3 A 1 3.32 -1.27 5.36
HG21 4N3 A 1 4.75 -0.27 5.57
HD2 4N3 A 1 9.00 -4.83 6.84
HD1 4N3 A 1 10.08 -3.70 5.97
HE1 4N3 A 1 7.74 -2.83 7.74
HE2 4N3 A 1 9.44 -2.88 8.26
HF2 4N3 A 1 8.39 -1.25 5.90
HF1 4N3 A 1 10.05 -1.25 6.52
HH1 4N3 A 1 9.26 -0.34 8.68
HH2 4N3 A 1 7.57 -0.40 8.10
HI1 4N3 A 1 8.62 1.04 6.09
HI2 4N3 A 1 8.09 1.82 7.60
HJ1 4N3 A 1 10.92 0.79 7.32
HJ2 4N3 A 1 10.29 2.04 8.42
HK3 4N3 A 1 11.29 2.31 5.66
HK2 4N3 A 1 11.01 3.57 6.88
HK1 4N3 A 1 9.68 3.02 5.86
N 4FO A 2 5.34 -1.94 2.94
CA 4FO A 2 4.59 -1.96 1.68
C 4FO A 2 3.56 -0.84 1.63
O 4FO A 2 2.66 -0.88 0.78
CB 4FO A 2 5.57 -1.84 0.47
CG 4FO A 2 6.06 -0.43 0.05
NZ 4FO A 2 6.96 -0.47 -1.17
H2 4FO A 2 5.99 -1.18 3.13
HA 4FO A 2 4.03 -2.92 1.57
HB2 4FO A 2 6.46 -2.49 0.65
HB3 4FO A 2 5.03 -2.29 -0.41
HG3 4FO A 2 6.57 0.08 0.89
HG2 4FO A 2 5.17 0.18 -0.23
HZ3 4FO A 2 6.44 -0.17 -2.02
HZ2 4FO A 2 7.82 0.12 -1.00
HZ1 4FO A 2 7.26 -1.46 -1.32
N GLY A 3 3.67 0.13 2.52
CA GLY A 3 2.73 1.23 2.54
C GLY A 3 3.42 2.58 2.64
N DSN A 4 4.54 2.72 1.93
CA DSN A 4 5.29 3.97 1.94
C DSN A 4 4.44 5.12 1.41
O DSN A 4 4.73 6.28 1.67
CB DSN A 4 5.78 4.29 3.35
OG DSN A 4 6.96 5.07 3.33
H DSN A 4 4.86 1.97 1.40
HA DSN A 4 6.15 3.84 1.30
HB2 DSN A 4 5.99 3.36 3.88
HB3 DSN A 4 5.01 4.83 3.88
HG DSN A 4 7.71 4.54 3.60
N DTR A 5 3.40 4.78 0.67
CA DTR A 5 2.51 5.78 0.10
CB DTR A 5 1.83 6.59 1.22
CG DTR A 5 0.53 6.01 1.66
CD1 DTR A 5 0.29 4.73 2.07
NE1 DTR A 5 -1.02 4.58 2.40
CE2 DTR A 5 -1.68 5.76 2.21
CZ2 DTR A 5 -3.02 6.10 2.41
CH2 DTR A 5 -3.39 7.38 2.13
CZ3 DTR A 5 -2.47 8.33 1.66
CE3 DTR A 5 -1.14 8.00 1.46
CD2 DTR A 5 -0.73 6.69 1.74
C DTR A 5 1.44 5.13 -0.78
O DTR A 5 1.43 3.92 -0.95
H DTR A 5 3.22 3.83 0.50
HA DTR A 5 3.10 6.46 -0.50
HB2 DTR A 5 1.65 7.60 0.87
HB3 DTR A 5 2.50 6.63 2.07
HD1 DTR A 5 1.05 3.96 2.12
HE1 DTR A 5 -1.44 3.75 2.73
HZ2 DTR A 5 -3.74 5.38 2.76
HH2 DTR A 5 -4.42 7.69 2.26
HZ3 DTR A 5 -2.81 9.33 1.44
HE3 DTR A 5 -0.44 8.74 1.10
N SER A 6 0.56 5.95 -1.34
CA SER A 6 -0.50 5.46 -2.21
C SER A 6 0.00 5.30 -3.64
N DAB A 7 0.93 4.32 -3.85
CA DAB A 7 1.44 3.95 -5.17
C DAB A 7 0.68 2.76 -5.74
O DAB A 7 1.14 1.95 -6.51
CB DAB A 7 2.96 3.63 -5.10
CG DAB A 7 3.95 4.80 -4.91
ND DAB A 7 5.40 4.37 -4.98
H DAB A 7 1.20 3.80 -3.02
HA DAB A 7 1.31 4.79 -5.89
HB2 DAB A 7 3.26 3.05 -6.01
HB3 DAB A 7 3.10 2.94 -4.23
HG2 DAB A 7 3.80 5.23 -3.89
HG3 DAB A 7 3.77 5.61 -5.65
HD1 DAB A 7 5.60 3.90 -5.89
HD2 DAB A 7 6.00 5.23 -4.93
HZ1 DAB A 7 5.64 3.76 -4.17
N 4FO A 8 -0.61 2.60 -5.33
CA 4FO A 8 -1.45 1.45 -5.68
C 4FO A 8 -0.78 0.13 -5.30
O 4FO A 8 -0.86 -0.83 -6.06
CB 4FO A 8 -2.85 1.56 -5.01
CG 4FO A 8 -3.47 2.96 -4.83
NZ 4FO A 8 -4.96 2.91 -4.51
H2 4FO A 8 -0.96 3.30 -4.68
HA 4FO A 8 -1.60 1.41 -6.79
HB2 4FO A 8 -3.56 0.90 -5.56
HB3 4FO A 8 -2.73 1.10 -3.99
HG3 4FO A 8 -3.32 3.59 -5.74
HG2 4FO A 8 -2.97 3.46 -3.97
HZ3 4FO A 8 -5.15 3.43 -3.62
HZ2 4FO A 8 -5.52 3.26 -5.30
HZ1 4FO A 8 -5.21 1.90 -4.34
N PHE A 9 -0.13 0.10 -4.15
CA PHE A 9 0.55 -1.11 -3.68
C PHE A 9 -0.45 -2.25 -3.51
N GLU A 10 0.00 -3.32 -2.85
CA GLU A 10 -0.85 -4.48 -2.63
C GLU A 10 -1.84 -4.21 -1.49
N VAL A 11 -2.68 -3.21 -1.69
CA VAL A 11 -3.68 -2.84 -0.68
C VAL A 11 -4.62 -4.01 -0.39
N 28J A 12 -4.86 -4.29 0.92
CA 28J A 12 -5.63 -5.44 1.38
CB 28J A 12 -7.15 -5.12 1.37
CG2 28J A 12 -7.98 -6.35 1.80
CG1 28J A 12 -7.45 -3.89 2.24
CD1 28J A 12 -7.31 -2.56 1.51
C 28J A 12 -5.14 -5.95 2.74
O 28J A 12 -4.65 -5.19 3.57
H 28J A 12 -4.38 -3.68 1.59
HA 28J A 12 -5.47 -6.30 0.70
H22 28J A 12 -7.44 -4.86 0.32
H23 28J A 12 -7.82 -7.21 1.11
H24 28J A 12 -7.69 -6.70 2.81
H25 28J A 12 -9.06 -6.11 1.81
H26 28J A 12 -8.48 -3.97 2.67
H27 28J A 12 -6.75 -3.88 3.11
H28 28J A 12 -7.85 -1.73 2.02
H29 28J A 12 -6.24 -2.23 1.46
H30 28J A 12 -7.69 -2.61 0.47
N ALA A 13 -5.30 -7.25 2.95
CA ALA A 13 -4.88 -7.87 4.19
C ALA A 13 -3.63 -8.72 3.99
N 4N3 A 1 6.59 0.58 6.34
CA 4N3 A 1 6.42 1.25 5.06
CB 4N3 A 1 5.41 2.42 5.16
CG1 4N3 A 1 4.01 1.89 5.43
CG2 4N3 A 1 5.44 3.26 3.90
C 4N3 A 1 5.94 0.27 4.00
O 4N3 A 1 5.07 -0.55 4.14
CO1 4N3 A 1 7.67 -0.16 6.61
O2 4N3 A 1 8.77 0.06 6.09
CD 4N3 A 1 7.48 -1.30 7.62
CE 4N3 A 1 8.72 -2.22 7.59
CF 4N3 A 1 8.55 -3.25 6.44
CH 4N3 A 1 9.14 -2.66 5.14
CI 4N3 A 1 9.58 -3.81 4.21
CJ 4N3 A 1 11.04 -4.20 4.52
CK 4N3 A 1 11.99 -3.31 3.68
H1 4N3 A 1 5.91 0.68 7.03
HA 4N3 A 1 7.37 1.66 4.76
HB 4N3 A 1 5.70 3.04 6.00
HG13 4N3 A 1 4.08 0.99 6.03
HG11 4N3 A 1 3.54 1.66 4.48
HG12 4N3 A 1 3.44 2.64 5.94
HG22 4N3 A 1 6.09 4.12 4.05
HG23 4N3 A 1 4.45 3.60 3.66
HG21 4N3 A 1 5.84 2.67 3.08
HD2 4N3 A 1 7.36 -0.89 8.62
HD1 4N3 A 1 6.60 -1.87 7.36
HE1 4N3 A 1 9.61 -1.62 7.42
HE2 4N3 A 1 8.80 -2.74 8.53
HF2 4N3 A 1 7.50 -3.47 6.30
HF1 4N3 A 1 9.09 -4.16 6.70
HH1 4N3 A 1 10.01 -2.03 5.38
HH2 4N3 A 1 8.38 -2.06 4.64
HI1 4N3 A 1 8.94 -4.67 4.38
HI2 4N3 A 1 9.50 -3.48 3.18
HJ1 4N3 A 1 11.20 -5.24 4.27
HJ2 4N3 A 1 11.24 -4.03 5.58
HK3 4N3 A 1 12.60 -2.70 4.35
HK2 4N3 A 1 11.40 -2.67 3.03
HK1 4N3 A 1 12.63 -3.96 3.09
N 4FO A 2 6.56 0.35 2.78
CA 4FO A 2 6.17 -0.43 1.60
C 4FO A 2 5.05 0.27 0.83
O 4FO A 2 4.10 -0.38 0.40
CB 4FO A 2 7.39 -0.69 0.69
CG 4FO A 2 8.28 0.52 0.28
NZ 4FO A 2 9.17 0.22 -0.90
H2 4FO A 2 7.29 1.06 2.70
HA 4FO A 2 5.76 -1.42 1.92
HB2 4FO A 2 8.03 -1.48 1.14
HB3 4FO A 2 6.98 -1.13 -0.26
HG3 4FO A 2 8.91 0.85 1.15
HG2 4FO A 2 7.62 1.37 -0.01
HZ3 4FO A 2 8.81 -0.59 -1.45
HZ2 4FO A 2 9.27 1.07 -1.50
HZ1 4FO A 2 10.12 -0.04 -0.55
N GLY A 3 5.18 1.58 0.64
CA GLY A 3 4.17 2.32 -0.09
C GLY A 3 4.78 3.27 -1.11
N DSN A 4 4.00 4.27 -1.52
CA DSN A 4 4.46 5.25 -2.49
C DSN A 4 3.60 5.22 -3.74
O DSN A 4 4.09 5.45 -4.85
CB DSN A 4 4.45 6.65 -1.88
OG DSN A 4 3.14 7.04 -1.52
H DSN A 4 3.09 4.36 -1.15
HA DSN A 4 5.48 4.99 -2.76
HB2 DSN A 4 4.85 7.36 -2.60
HB3 DSN A 4 5.08 6.66 -1.00
HG DSN A 4 3.11 7.99 -1.38
N DTR A 5 2.32 4.94 -3.57
CA DTR A 5 1.39 4.87 -4.68
CB DTR A 5 0.29 5.93 -4.51
CG DTR A 5 -0.92 5.42 -3.80
CD1 DTR A 5 -0.95 4.82 -2.57
NE1 DTR A 5 -2.24 4.50 -2.24
CE2 DTR A 5 -3.08 4.89 -3.26
CZ2 DTR A 5 -4.46 4.79 -3.38
CH2 DTR A 5 -5.04 5.28 -4.52
CZ3 DTR A 5 -4.27 5.87 -5.53
CE3 DTR A 5 -2.89 5.98 -5.40
CD2 DTR A 5 -2.27 5.49 -4.25
C DTR A 5 0.76 3.49 -4.80
O DTR A 5 1.07 2.59 -4.02
H DTR A 5 1.99 4.76 -2.66
HA DTR A 5 1.94 5.09 -5.59
HB2 DTR A 5 -0.02 6.28 -5.49
HB3 DTR A 5 0.69 6.77 -3.97
HD1 DTR A 5 -0.08 4.62 -1.97
HE1 DTR A 5 -2.52 4.05 -1.41
HZ2 DTR A 5 -5.07 4.33 -2.61
HH2 DTR A 5 -6.11 5.22 -4.66
HZ3 DTR A 5 -4.75 6.25 -6.41
HE3 DTR A 5 -2.31 6.44 -6.19
N SER A 6 -0.13 3.33 -5.77
CA SER A 6 -0.80 2.05 -5.99
C SER A 6 0.02 1.15 -6.91
N DAB A 7 0.91 0.33 -6.29
CA DAB A 7 1.71 -0.68 -6.99
C DAB A 7 1.31 -2.09 -6.58
O DAB A 7 1.70 -3.10 -7.11
CB DAB A 7 3.22 -0.46 -6.73
CG DAB A 7 3.92 0.77 -7.38
ND DAB A 7 5.36 0.93 -6.93
H DAB A 7 0.96 0.40 -5.28
HA DAB A 7 1.55 -0.62 -8.09
HB2 DAB A 7 3.79 -1.38 -7.02
HB3 DAB A 7 3.35 -0.36 -5.63
HG2 DAB A 7 3.38 1.69 -7.07
HG3 DAB A 7 3.87 0.71 -8.49
HD1 DAB A 7 5.87 0.03 -6.99
HD2 DAB A 7 5.82 1.60 -7.60
HZ1 DAB A 7 5.39 1.35 -5.98
N 4FO A 8 0.45 -2.20 -5.53
CA 4FO A 8 0.04 -3.48 -4.92
C 4FO A 8 0.68 -3.67 -3.55
O 4FO A 8 1.55 -4.52 -3.40
CB 4FO A 8 -1.51 -3.58 -4.81
CG 4FO A 8 -2.36 -3.15 -6.04
NZ 4FO A 8 -2.79 -1.69 -5.98
H2 4FO A 8 0.14 -1.33 -5.11
HA 4FO A 8 0.39 -4.34 -5.56
HB2 4FO A 8 -1.80 -4.60 -4.52
HB3 4FO A 8 -1.81 -2.91 -3.96
HG3 4FO A 8 -3.25 -3.80 -6.16
HG2 4FO A 8 -1.74 -3.26 -6.95
HZ3 4FO A 8 -2.21 -1.12 -6.64
HZ2 4FO A 8 -3.81 -1.61 -6.19
HZ1 4FO A 8 -2.61 -1.34 -5.02
N PHE A 9 0.25 -2.89 -2.57
CA PHE A 9 0.78 -2.98 -1.22
C PHE A 9 -0.31 -3.38 -0.23
N GLU A 10 -1.24 -4.22 -0.68
CA GLU A 10 -2.34 -4.67 0.16
C GLU A 10 -3.22 -3.50 0.57
N VAL A 11 -3.88 -2.88 -0.40
CA VAL A 11 -4.75 -1.75 -0.13
C VAL A 11 -6.05 -2.20 0.54
N 28J A 12 -6.21 -1.85 1.84
CA 28J A 12 -7.33 -2.30 2.67
CB 28J A 12 -8.48 -1.27 2.64
CG2 28J A 12 -8.13 -0.02 3.45
CG1 28J A 12 -8.86 -0.91 1.18
CD1 28J A 12 -10.09 -0.02 1.05
C 28J A 12 -6.89 -2.64 4.10
O 28J A 12 -5.73 -2.44 4.47
H 28J A 12 -5.44 -1.32 2.25
HA 28J A 12 -7.74 -3.26 2.27
H22 28J A 12 -9.39 -1.74 3.10
H23 28J A 12 -7.14 -0.12 3.96
H24 28J A 12 -8.05 0.89 2.81
H25 28J A 12 -8.89 0.19 4.23
H26 28J A 12 -7.99 -0.41 0.68
H27 28J A 12 -9.05 -1.87 0.62
H28 28J A 12 -10.52 0.25 2.04
H29 28J A 12 -9.84 0.93 0.54
H30 28J A 12 -10.89 -0.52 0.45
N ALA A 13 -7.82 -3.18 4.87
CA ALA A 13 -7.54 -3.56 6.25
C ALA A 13 -7.08 -5.01 6.33
N 4N3 A 1 4.84 -0.42 8.06
CA 4N3 A 1 4.35 0.34 6.92
CB 4N3 A 1 2.82 0.22 6.78
CG1 4N3 A 1 2.43 -1.21 6.40
CG2 4N3 A 1 2.29 1.21 5.77
C 4N3 A 1 5.00 -0.12 5.62
O 4N3 A 1 5.43 -1.22 5.40
CO1 4N3 A 1 6.09 -0.28 8.50
O2 4N3 A 1 7.08 -0.63 7.85
CD 4N3 A 1 6.25 0.36 9.89
CE 4N3 A 1 7.69 0.13 10.40
CF 4N3 A 1 8.01 1.12 11.54
CH 4N3 A 1 9.52 1.39 11.58
CI 4N3 A 1 9.86 2.57 10.64
CJ 4N3 A 1 11.37 2.90 10.77
CK 4N3 A 1 11.58 3.83 11.98
H1 4N3 A 1 4.25 -1.05 8.50
HA 4N3 A 1 4.59 1.38 7.08
HB 4N3 A 1 2.37 0.44 7.74
HG13 4N3 A 1 1.36 -1.31 6.43
HG11 4N3 A 1 2.87 -1.90 7.11
HG12 4N3 A 1 2.80 -1.42 5.41
HG22 4N3 A 1 1.26 1.43 5.97
HG23 4N3 A 1 2.38 0.79 4.77
HG21 4N3 A 1 2.87 2.13 5.82
HD2 4N3 A 1 6.07 1.43 9.82
HD1 4N3 A 1 5.55 -0.09 10.59
HE1 4N3 A 1 7.78 -0.89 10.79
HE2 4N3 A 1 8.39 0.27 9.58
HF2 4N3 A 1 7.68 0.71 12.49
HF1 4N3 A 1 7.48 2.06 11.34
HH1 4N3 A 1 10.05 0.50 11.25
HH2 4N3 A 1 9.82 1.64 12.59
HI1 4N3 A 1 9.63 2.29 9.62
HI2 4N3 A 1 9.27 3.44 10.93
HJ1 4N3 A 1 11.70 3.40 9.87
HJ2 4N3 A 1 11.92 1.98 10.92
HK3 4N3 A 1 11.41 3.28 12.90
HK2 4N3 A 1 10.87 4.67 11.93
HK1 4N3 A 1 12.60 4.22 11.97
N 4FO A 2 5.12 0.82 4.63
CA 4FO A 2 5.62 0.54 3.28
C 4FO A 2 4.68 1.12 2.22
O 4FO A 2 3.53 1.44 2.53
CB 4FO A 2 7.05 1.10 3.10
CG 4FO A 2 7.22 2.61 2.79
NZ 4FO A 2 7.63 2.87 1.35
H2 4FO A 2 4.74 1.74 4.86
HA 4FO A 2 5.65 -0.56 3.10
HB2 4FO A 2 7.65 0.85 4.01
HB3 4FO A 2 7.50 0.53 2.26
HG3 4FO A 2 7.96 3.08 3.47
HG2 4FO A 2 6.24 3.12 2.95
HZ3 4FO A 2 8.11 2.03 0.94
HZ2 4FO A 2 6.79 3.15 0.79
HZ1 4FO A 2 8.31 3.66 1.35
N GLY A 3 5.17 1.24 1.00
CA GLY A 3 4.35 1.78 -0.07
C GLY A 3 5.09 2.77 -0.94
N DSN A 4 4.94 4.05 -0.63
CA DSN A 4 5.61 5.11 -1.39
C DSN A 4 4.59 6.02 -2.07
O DSN A 4 4.85 7.19 -2.31
CB DSN A 4 6.51 5.94 -0.46
OG DSN A 4 7.27 6.87 -1.20
H DSN A 4 4.36 4.30 0.12
HA DSN A 4 6.22 4.64 -2.14
HB2 DSN A 4 7.18 5.27 0.07
HB3 DSN A 4 5.89 6.47 0.25
HG DSN A 4 8.14 6.96 -0.79
N DTR A 5 3.42 5.46 -2.38
CA DTR A 5 2.37 6.23 -3.04
CB DTR A 5 1.77 7.24 -2.07
CG DTR A 5 0.64 6.70 -1.25
CD1 DTR A 5 0.64 5.55 -0.52
NE1 DTR A 5 -0.57 5.37 0.09
CE2 DTR A 5 -1.39 6.42 -0.23
CZ2 DTR A 5 -2.70 6.70 0.14
CH2 DTR A 5 -3.28 7.84 -0.34
CZ3 DTR A 5 -2.57 8.71 -1.18
CE3 DTR A 5 -1.27 8.44 -1.56
CD2 DTR A 5 -0.65 7.28 -1.08
C DTR A 5 1.27 5.30 -3.56
O DTR A 5 1.38 4.08 -3.45
H DTR A 5 3.27 4.51 -2.17
HA DTR A 5 2.80 6.74 -3.88
HB2 DTR A 5 1.40 8.08 -2.63
HB3 DTR A 5 2.54 7.58 -1.40
HD1 DTR A 5 1.49 4.87 -0.44
HE1 DTR A 5 -0.82 4.62 0.68
HZ2 DTR A 5 -3.25 6.05 0.80
HH2 DTR A 5 -4.29 8.09 -0.08
HZ3 DTR A 5 -3.06 9.60 -1.55
HE3 DTR A 5 -0.75 9.12 -2.22
N SER A 6 0.22 5.88 -4.11
CA SER A 6 -0.90 5.11 -4.65
C SER A 6 -0.56 4.56 -6.03
N DAB A 7 -0.42 3.20 -6.11
CA DAB A 7 -0.20 2.46 -7.37
C DAB A 7 -1.01 1.17 -7.39
O DAB A 7 -0.78 0.24 -8.12
CB DAB A 7 1.30 2.17 -7.58
CG DAB A 7 2.26 3.36 -7.86
ND DAB A 7 3.63 2.91 -8.32
H DAB A 7 -0.56 2.68 -5.24
HA DAB A 7 -0.56 3.07 -8.23
HB2 DAB A 7 1.42 1.42 -8.40
HB3 DAB A 7 1.66 1.66 -6.65
HG2 DAB A 7 2.41 3.91 -6.90
HG3 DAB A 7 1.82 4.06 -8.59
HD1 DAB A 7 4.28 3.73 -8.36
HD2 DAB A 7 4.01 2.25 -7.60
HZ1 DAB A 7 3.56 2.41 -9.22
N 4FO A 8 -2.06 1.08 -6.53
CA 4FO A 8 -2.87 -0.14 -6.34
C 4FO A 8 -2.01 -1.29 -5.84
O 4FO A 8 -1.72 -2.22 -6.61
CB 4FO A 8 -4.04 0.13 -5.35
CG 4FO A 8 -5.06 1.24 -5.70
NZ 4FO A 8 -5.99 0.84 -6.82
H2 4FO A 8 -2.22 1.89 -5.93
HA 4FO A 8 -3.30 -0.46 -7.31
HB2 4FO A 8 -4.59 -0.82 -5.17
HB3 4FO A 8 -3.57 0.40 -4.37
HG3 4FO A 8 -4.55 2.19 -5.95
HG2 4FO A 8 -5.70 1.42 -4.80
HZ3 4FO A 8 -6.70 0.15 -6.49
HZ2 4FO A 8 -6.45 1.69 -7.25
HZ1 4FO A 8 -5.42 0.38 -7.57
N PHE A 9 -1.60 -1.26 -4.58
CA PHE A 9 -0.78 -2.32 -4.01
C PHE A 9 -1.40 -2.82 -2.70
N GLU A 10 -2.72 -2.79 -2.62
CA GLU A 10 -3.43 -3.24 -1.43
C GLU A 10 -3.08 -2.37 -0.22
N VAL A 11 -3.35 -1.08 -0.35
CA VAL A 11 -3.07 -0.13 0.73
C VAL A 11 -4.31 0.13 1.56
N 28J A 12 -4.11 0.30 2.90
CA 28J A 12 -5.21 0.46 3.87
CB 28J A 12 -5.99 1.76 3.61
CG2 28J A 12 -7.07 1.97 4.68
CG1 28J A 12 -5.03 2.97 3.51
CD1 28J A 12 -4.46 3.42 4.86
C 28J A 12 -4.70 0.35 5.32
O 28J A 12 -3.57 0.73 5.63
H 28J A 12 -3.15 0.24 3.22
HA 28J A 12 -5.92 -0.40 3.77
H22 28J A 12 -6.50 1.66 2.62
H23 28J A 12 -7.85 1.18 4.64
H24 28J A 12 -6.65 1.94 5.70
H25 28J A 12 -7.59 2.96 4.56
H26 28J A 12 -4.19 2.73 2.82
H27 28J A 12 -5.59 3.83 3.07
H28 28J A 12 -4.74 4.47 5.11
H29 28J A 12 -4.85 2.78 5.69
H30 28J A 12 -3.35 3.34 4.87
N ALA A 13 -5.55 -0.19 6.18
CA ALA A 13 -5.21 -0.36 7.58
C ALA A 13 -4.24 -1.52 7.77
N 4N3 A 1 6.17 1.19 8.46
CA 4N3 A 1 5.41 1.75 7.35
CB 4N3 A 1 4.49 2.89 7.82
CG1 4N3 A 1 3.51 2.38 8.87
CG2 4N3 A 1 3.74 3.50 6.64
C 4N3 A 1 4.58 0.68 6.66
O 4N3 A 1 3.87 -0.11 7.22
CO1 4N3 A 1 7.27 0.48 8.25
O2 4N3 A 1 8.28 0.93 7.71
CD 4N3 A 1 7.24 -0.98 8.76
CE 4N3 A 1 8.51 -1.72 8.27
CF 4N3 A 1 8.75 -2.96 9.15
CH 4N3 A 1 9.45 -2.54 10.46
CI 4N3 A 1 10.98 -2.52 10.22
CJ 4N3 A 1 11.55 -3.93 10.48
CK 4N3 A 1 13.09 -3.87 10.37
H1 4N3 A 1 5.88 1.35 9.38
HA 4N3 A 1 6.11 2.17 6.64
HB 4N3 A 1 5.08 3.66 8.28
HG13 4N3 A 1 4.07 1.99 9.71
HG11 4N3 A 1 2.91 1.59 8.45
HG12 4N3 A 1 2.86 3.18 9.20
HG22 4N3 A 1 3.13 4.32 6.98
HG23 4N3 A 1 3.11 2.75 6.18
HG21 4N3 A 1 4.46 3.85 5.92
HD2 4N3 A 1 7.22 -0.99 9.85
HD1 4N3 A 1 6.36 -1.48 8.37
HE1 4N3 A 1 8.36 -2.02 7.24
HE2 4N3 A 1 9.36 -1.06 8.35
HF2 4N3 A 1 9.37 -3.68 8.61
HF1 4N3 A 1 7.78 -3.42 9.40
HH1 4N3 A 1 9.21 -3.26 11.24
HH2 4N3 A 1 9.11 -1.55 10.75
HI1 4N3 A 1 11.18 -2.22 9.20
HI2 4N3 A 1 11.43 -1.81 10.91
HJ1 4N3 A 1 11.16 -4.62 9.73
HJ2 4N3 A 1 11.27 -4.26 11.47
HK3 4N3 A 1 13.49 -3.31 11.20
HK2 4N3 A 1 13.37 -3.39 9.43
HK1 4N3 A 1 13.49 -4.89 10.39
N 4FO A 2 4.67 0.65 5.30
CA 4FO A 2 3.86 -0.25 4.45
C 4FO A 2 2.90 0.55 3.57
O 4FO A 2 1.88 0.01 3.12
CB 4FO A 2 4.77 -1.15 3.57
CG 4FO A 2 5.82 -0.46 2.66
NZ 4FO A 2 6.49 -1.43 1.70
H2 4FO A 2 5.29 1.33 4.88
HA 4FO A 2 3.23 -0.91 5.09
HB2 4FO A 2 5.29 -1.89 4.22
HB3 4FO A 2 4.09 -1.74 2.91
HG3 4FO A 2 6.60 0.07 3.26
HG2 4FO A 2 5.31 0.30 2.03
HZ3 4FO A 2 5.92 -2.31 1.61
HZ2 4FO A 2 6.65 -0.97 0.78
HZ1 4FO A 2 7.41 -1.69 2.10
N GLY A 3 3.22 1.82 3.33
CA GLY A 3 2.37 2.65 2.50
C GLY A 3 2.93 4.04 2.31
N DSN A 4 2.22 5.04 2.82
CA DSN A 4 2.66 6.43 2.69
C DSN A 4 1.86 7.16 1.62
O DSN A 4 1.77 8.38 1.62
CB DSN A 4 2.50 7.16 4.03
OG DSN A 4 3.12 8.43 4.00
H DSN A 4 1.38 4.85 3.28
HA DSN A 4 3.70 6.43 2.42
HB2 DSN A 4 2.96 6.56 4.81
HB3 DSN A 4 1.46 7.28 4.25
HG DSN A 4 3.97 8.36 3.53
N DTR A 5 1.27 6.39 0.70
CA DTR A 5 0.49 6.96 -0.39
CB DTR A 5 -0.72 7.72 0.18
CG DTR A 5 -1.94 6.87 0.31
CD1 DTR A 5 -2.04 5.67 0.97
NE1 DTR A 5 -3.32 5.20 0.89
CE2 DTR A 5 -4.08 6.08 0.16
CZ2 DTR A 5 -5.42 6.03 -0.19
CH2 DTR A 5 -5.93 7.07 -0.93
CZ3 DTR A 5 -5.12 8.14 -1.32
CE3 DTR A 5 -3.78 8.19 -0.97
CD2 DTR A 5 -3.24 7.14 -0.21
C DTR A 5 0.02 5.88 -1.34
O DTR A 5 0.33 4.70 -1.16
H DTR A 5 1.38 5.42 0.75
HA DTR A 5 1.12 7.66 -0.93
HB2 DTR A 5 -0.95 8.54 -0.48
HB3 DTR A 5 -0.46 8.11 1.15
HD1 DTR A 5 -1.22 5.19 1.48
HE1 DTR A 5 -3.64 4.35 1.27
HZ2 DTR A 5 -6.06 5.21 0.10
HH2 DTR A 5 -6.96 7.07 -1.23
HZ3 DTR A 5 -5.55 8.94 -1.89
HE3 DTR A 5 -3.17 9.03 -1.27
N SER A 6 -0.73 6.29 -2.36
CA SER A 6 -1.25 5.33 -3.36
C SER A 6 -0.22 5.09 -4.46
N DAB A 7 0.88 4.37 -4.10
CA DAB A 7 1.92 3.93 -5.04
C DAB A 7 1.68 2.50 -5.50
O DAB A 7 2.55 1.75 -5.86
CB DAB A 7 3.33 4.07 -4.41
CG DAB A 7 3.84 5.49 -4.03
ND DAB A 7 5.20 5.47 -3.35
H DAB A 7 0.91 4.06 -3.13
HA DAB A 7 1.90 4.57 -5.96
HB2 DAB A 7 4.08 3.59 -5.07
HB3 DAB A 7 3.31 3.47 -3.46
HG2 DAB A 7 3.12 5.94 -3.30
HG3 DAB A 7 3.87 6.15 -4.92
HD1 DAB A 7 5.77 6.29 -3.67
HD2 DAB A 7 5.04 5.58 -2.33
HZ1 DAB A 7 5.67 4.55 -3.53
N 4FO A 8 0.40 2.05 -5.49
CA 4FO A 8 0.01 0.67 -5.79
C 4FO A 8 0.76 -0.32 -4.91
O 4FO A 8 1.17 -1.38 -5.38
CB 4FO A 8 -1.53 0.48 -5.62
CG 4FO A 8 -2.45 1.65 -6.00
NZ 4FO A 8 -2.77 2.57 -4.83
H2 4FO A 8 -0.31 2.72 -5.18
HA 4FO A 8 0.27 0.41 -6.84
HB2 4FO A 8 -1.85 -0.43 -6.17
HB3 4FO A 8 -1.70 0.26 -4.53
HG3 4FO A 8 -3.41 1.28 -6.46
HG2 4FO A 8 -1.94 2.28 -6.76
HZ3 4FO A 8 -3.74 2.96 -4.93
HZ2 4FO A 8 -2.66 2.05 -3.92
HZ1 4FO A 8 -2.10 3.36 -4.85
N PHE A 9 0.95 0.02 -3.64
CA PHE A 9 1.65 -0.85 -2.70
C PHE A 9 0.92 -2.19 -2.56
N GLU A 10 1.32 -2.97 -1.55
CA GLU A 10 0.71 -4.26 -1.31
C GLU A 10 -0.65 -4.12 -0.64
N VAL A 11 -1.56 -3.42 -1.31
CA VAL A 11 -2.91 -3.20 -0.78
C VAL A 11 -3.60 -4.52 -0.48
N 28J A 12 -4.41 -4.54 0.62
CA 28J A 12 -5.06 -5.75 1.12
CB 28J A 12 -6.40 -6.00 0.37
CG2 28J A 12 -6.84 -7.47 0.51
CG1 28J A 12 -7.48 -5.03 0.87
CD1 28J A 12 -8.68 -4.88 -0.10
C 28J A 12 -5.23 -5.72 2.64
O 28J A 12 -5.47 -4.67 3.24
H 28J A 12 -4.46 -3.67 1.14
HA 28J A 12 -4.40 -6.64 0.94
H22 28J A 12 -6.23 -5.79 -0.71
H23 28J A 12 -7.87 -7.55 0.91
H24 28J A 12 -6.83 -7.99 -0.48
H25 28J A 12 -6.16 -8.04 1.18
H26 28J A 12 -7.86 -5.36 1.87
H27 28J A 12 -7.03 -4.01 1.00
H28 28J A 12 -9.09 -3.85 -0.09
H29 28J A 12 -8.36 -5.11 -1.14
H30 28J A 12 -9.50 -5.59 0.18
N ALA A 13 -5.09 -6.89 3.25
CA ALA A 13 -5.22 -7.01 4.70
C ALA A 13 -3.90 -6.71 5.40
N 4N3 A 1 5.85 -1.46 7.84
CA 4N3 A 1 5.73 -0.56 6.70
CB 4N3 A 1 4.43 0.27 6.78
CG1 4N3 A 1 3.22 -0.64 6.76
CG2 4N3 A 1 4.37 1.27 5.64
C 4N3 A 1 5.75 -1.32 5.38
O 4N3 A 1 5.24 -2.39 5.19
CO1 4N3 A 1 6.56 -2.58 7.77
O2 4N3 A 1 6.11 -3.64 7.33
CD 4N3 A 1 8.02 -2.50 8.27
CE 4N3 A 1 8.42 -3.84 8.89
CF 4N3 A 1 9.71 -3.66 9.71
CH 4N3 A 1 9.35 -3.24 11.15
CI 4N3 A 1 10.52 -2.43 11.75
CJ 4N3 A 1 11.59 -3.40 12.28
CK 4N3 A 1 11.19 -3.87 13.70
H1 4N3 A 1 5.40 -1.24 8.67
HA 4N3 A 1 6.57 0.13 6.73
HB 4N3 A 1 4.43 0.81 7.71
HG13 4N3 A 1 2.67 -0.49 5.83
HG11 4N3 A 1 2.58 -0.41 7.60
HG12 4N3 A 1 3.54 -1.68 6.82
HG22 4N3 A 1 3.81 2.14 5.95
HG23 4N3 A 1 3.90 0.82 4.78
HG21 4N3 A 1 5.38 1.58 5.37
HD2 4N3 A 1 8.68 -2.27 7.43
HD1 4N3 A 1 8.10 -1.71 9.02
HE1 4N3 A 1 7.62 -4.21 9.55
HE2 4N3 A 1 8.59 -4.58 8.11
HF2 4N3 A 1 10.34 -2.91 9.26
HF1 4N3 A 1 10.26 -4.61 9.75
HH1 4N3 A 1 9.17 -4.12 11.76
HH2 4N3 A 1 8.45 -2.62 11.13
HI1 4N3 A 1 10.95 -1.79 10.98
HI2 4N3 A 1 10.14 -1.81 12.57
HJ1 4N3 A 1 12.55 -2.88 12.33
HJ2 4N3 A 1 11.67 -4.25 11.61
HK3 4N3 A 1 10.75 -3.04 14.25
HK2 4N3 A 1 12.08 -4.24 14.21
HK1 4N3 A 1 10.46 -4.68 13.61
N 4FO A 2 6.43 -0.73 4.35
CA 4FO A 2 6.47 -1.25 2.99
C 4FO A 2 5.52 -0.50 2.08
O 4FO A 2 5.00 -1.09 1.12
CB 4FO A 2 7.92 -1.21 2.42
CG 4FO A 2 8.67 0.15 2.47
NZ 4FO A 2 10.17 -0.01 2.26
H2 4FO A 2 6.85 0.17 4.56
HA 4FO A 2 6.14 -2.33 2.97
HB2 4FO A 2 8.54 -1.98 2.93
HB3 4FO A 2 7.85 -1.51 1.35
HG3 4FO A 2 8.48 0.69 3.43
HG2 4FO A 2 8.31 0.80 1.64
HZ3 4FO A 2 10.69 0.57 2.95
HZ2 4FO A 2 10.45 -1.01 2.31
HZ1 4FO A 2 10.40 0.36 1.31
N GLY A 3 5.30 0.77 2.35
CA GLY A 3 4.40 1.58 1.53
C GLY A 3 5.14 2.62 0.72
N DSN A 4 5.25 3.83 1.27
CA DSN A 4 5.94 4.91 0.58
C DSN A 4 4.95 5.78 -0.19
O DSN A 4 5.16 6.08 -1.37
CB DSN A 4 6.71 5.77 1.59
OG DSN A 4 8.02 5.26 1.80
H DSN A 4 4.86 3.99 2.14
HA DSN A 4 6.64 4.48 -0.11
HB2 DSN A 4 6.18 5.77 2.54
HB3 DSN A 4 6.78 6.78 1.21
HG DSN A 4 8.64 5.77 1.26
N DTR A 5 3.88 6.18 0.47
CA DTR A 5 2.86 7.01 -0.16
CB DTR A 5 2.13 7.85 0.90
CG DTR A 5 0.92 7.16 1.47
CD1 DTR A 5 0.87 5.91 2.01
NE1 DTR A 5 -0.41 5.64 2.43
CE2 DTR A 5 -1.21 6.71 2.16
CZ2 DTR A 5 -2.57 6.91 2.39
CH2 DTR A 5 -3.12 8.09 2.01
CZ3 DTR A 5 -2.34 9.10 1.41
CE3 DTR A 5 -0.99 8.91 1.18
CD2 DTR A 5 -0.40 7.69 1.55
C DTR A 5 1.86 6.16 -0.93
O DTR A 5 1.99 4.94 -1.00
H DTR A 5 3.76 5.91 1.40
HA DTR A 5 3.36 7.68 -0.85
HB2 DTR A 5 1.81 8.77 0.45
HB3 DTR A 5 2.81 8.05 1.71
HD1 DTR A 5 1.72 5.25 2.09
HE1 DTR A 5 -0.70 4.80 2.85
HZ2 DTR A 5 -3.18 6.15 2.85
HH2 DTR A 5 -4.17 8.29 2.17
HZ3 DTR A 5 -2.81 10.02 1.13
HE3 DTR A 5 -0.41 9.69 0.71
N SER A 6 0.85 6.82 -1.52
CA SER A 6 -0.16 6.11 -2.28
C SER A 6 0.30 5.84 -3.70
N DAB A 7 0.69 4.57 -3.98
CA DAB A 7 1.07 4.08 -5.31
C DAB A 7 0.16 2.95 -5.77
O DAB A 7 0.26 2.39 -6.83
CB DAB A 7 2.55 3.62 -5.32
CG DAB A 7 3.50 4.14 -4.21
ND DAB A 7 3.66 3.16 -3.06
H DAB A 7 0.62 3.91 -3.20
HA DAB A 7 0.97 4.90 -6.06
HB2 DAB A 7 3.01 3.86 -6.32
HB3 DAB A 7 2.54 2.50 -5.25
HG2 DAB A 7 3.06 5.07 -3.77
HG3 DAB A 7 4.51 4.40 -4.62
HD1 DAB A 7 4.30 2.38 -3.33
HD2 DAB A 7 4.10 3.67 -2.27
HZ1 DAB A 7 2.72 2.81 -2.75
N 4FO A 8 -0.82 2.56 -4.92
CA 4FO A 8 -1.71 1.42 -5.14
C 4FO A 8 -0.98 0.10 -4.92
O 4FO A 8 -1.31 -0.91 -5.57
CB 4FO A 8 -2.97 1.50 -4.24
CG 4FO A 8 -3.46 2.91 -3.79
NZ 4FO A 8 -2.79 3.38 -2.51
H2 4FO A 8 -0.87 3.06 -4.03
HA 4FO A 8 -2.06 1.41 -6.21
HB2 4FO A 8 -3.82 0.97 -4.73
HB3 4FO A 8 -2.73 0.92 -3.32
HG3 4FO A 8 -4.57 2.92 -3.66
HG2 4FO A 8 -3.19 3.64 -4.59
HZ3 4FO A 8 -2.08 4.12 -2.73
HZ2 4FO A 8 -3.50 3.73 -1.83
HZ1 4FO A 8 -2.29 2.57 -2.09
N PHE A 9 -0.01 0.09 -4.01
CA PHE A 9 0.74 -1.12 -3.71
C PHE A 9 -0.18 -2.21 -3.17
N GLU A 10 0.42 -3.22 -2.55
CA GLU A 10 -0.34 -4.33 -1.99
C GLU A 10 -1.13 -3.88 -0.76
N VAL A 11 -2.23 -3.18 -1.00
CA VAL A 11 -3.08 -2.68 0.08
C VAL A 11 -4.55 -3.00 -0.18
N 28J A 12 -5.26 -3.47 0.88
CA 28J A 12 -6.65 -3.92 0.78
CB 28J A 12 -7.61 -2.75 0.46
CG2 28J A 12 -9.00 -3.26 0.06
CG1 28J A 12 -7.67 -1.77 1.65
CD1 28J A 12 -8.09 -0.34 1.26
C 28J A 12 -7.07 -4.70 2.02
O 28J A 12 -6.66 -4.42 3.15
H 28J A 12 -4.75 -3.56 1.75
HA 28J A 12 -6.74 -4.66 -0.06
H22 28J A 12 -7.18 -2.19 -0.41
H23 28J A 12 -9.71 -3.23 0.91
H24 28J A 12 -9.44 -2.63 -0.75
H25 28J A 12 -8.95 -4.30 -0.32
H26 28J A 12 -8.38 -2.15 2.42
H27 28J A 12 -6.66 -1.71 2.13
H28 28J A 12 -8.28 -0.25 0.17
H29 28J A 12 -9.02 -0.04 1.79
H30 28J A 12 -7.30 0.39 1.54
N ALA A 13 -7.91 -5.72 1.80
CA ALA A 13 -8.39 -6.56 2.89
C ALA A 13 -7.96 -8.00 2.70
N 4N3 A 1 4.88 -3.21 7.76
CA 4N3 A 1 4.16 -2.04 7.30
CB 4N3 A 1 2.64 -2.26 7.35
CG1 4N3 A 1 2.25 -3.50 6.54
CG2 4N3 A 1 1.89 -1.03 6.84
C 4N3 A 1 4.56 -1.66 5.87
O 4N3 A 1 4.77 -2.44 4.98
CO1 4N3 A 1 6.18 -3.38 7.51
O2 4N3 A 1 6.64 -4.40 7.01
CD 4N3 A 1 7.10 -2.20 7.88
CE 4N3 A 1 7.17 -2.07 9.42
CF 4N3 A 1 8.43 -1.29 9.81
CH 4N3 A 1 8.15 0.22 9.67
CI 4N3 A 1 9.48 0.97 9.39
CJ 4N3 A 1 10.21 1.22 10.72
CK 4N3 A 1 11.10 0.00 11.06
H1 4N3 A 1 4.41 -3.91 8.26
HA 4N3 A 1 4.40 -1.22 7.95
HB 4N3 A 1 2.36 -2.43 8.38
HG13 4N3 A 1 2.77 -3.48 5.59
HG11 4N3 A 1 1.18 -3.49 6.37
HG12 4N3 A 1 2.53 -4.38 7.08
HG22 4N3 A 1 0.83 -1.21 6.88
HG23 4N3 A 1 2.19 -0.83 5.83
HG21 4N3 A 1 2.14 -0.18 7.47
HD2 4N3 A 1 8.10 -2.38 7.50
HD1 4N3 A 1 6.71 -1.28 7.46
HE1 4N3 A 1 6.29 -1.55 9.78
HE2 4N3 A 1 7.21 -3.07 9.86
HF2 4N3 A 1 9.25 -1.56 9.16
HF1 4N3 A 1 8.70 -1.50 10.85
HH1 4N3 A 1 7.71 0.60 10.59
HH2 4N3 A 1 7.47 0.39 8.84
HI1 4N3 A 1 10.11 0.36 8.74
HI2 4N3 A 1 9.27 1.92 8.92
HJ1 4N3 A 1 9.48 1.37 11.53
HJ2 4N3 A 1 10.84 2.10 10.64
HK3 4N3 A 1 12.03 0.34 11.51
HK2 4N3 A 1 11.32 -0.54 10.15
HK1 4N3 A 1 10.57 -0.65 11.76
N 4FO A 2 4.68 -0.33 5.62
CA 4FO A 2 4.95 0.23 4.29
C 4FO A 2 3.91 1.29 3.92
O 4FO A 2 3.30 1.19 2.86
CB 4FO A 2 6.37 0.84 4.22
CG 4FO A 2 6.78 1.89 5.29
NZ 4FO A 2 8.21 2.38 5.11
H2 4FO A 2 4.49 0.29 6.40
HA 4FO A 2 4.87 -0.56 3.52
HB2 4FO A 2 7.12 0.01 4.24
HB3 4FO A 2 6.47 1.32 3.23
HG3 4FO A 2 6.65 1.50 6.32
HG2 4FO A 2 6.12 2.78 5.18
HZ3 4FO A 2 8.78 2.13 5.95
HZ2 4FO A 2 8.61 2.01 4.23
HZ1 4FO A 2 8.17 3.43 5.05
N GLY A 3 3.72 2.28 4.77
CA GLY A 3 2.76 3.33 4.50
C GLY A 3 3.43 4.66 4.17
N DSN A 4 3.12 5.68 4.96
CA DSN A 4 3.70 7.01 4.75
C DSN A 4 2.74 7.90 3.97
O DSN A 4 2.69 9.11 4.17
CB DSN A 4 4.05 7.66 6.09
OG DSN A 4 4.70 8.90 5.89
H DSN A 4 2.50 5.54 5.70
HA DSN A 4 4.61 6.88 4.17
HB2 DSN A 4 4.70 7.01 6.65
HB3 DSN A 4 3.13 7.82 6.65
HG DSN A 4 5.09 9.19 6.73
N DTR A 5 1.98 7.28 3.06
CA DTR A 5 1.02 8.03 2.25
CB DTR A 5 -0.05 8.66 3.13
CG DTR A 5 -1.30 7.83 3.24
CD1 DTR A 5 -1.40 6.54 3.68
NE1 DTR A 5 -2.71 6.12 3.62
CE2 DTR A 5 -3.48 7.15 3.15
CZ2 DTR A 5 -4.85 7.21 2.92
CH2 DTR A 5 -5.37 8.38 2.43
CZ3 DTR A 5 -4.54 9.47 2.16
CE3 DTR A 5 -3.18 9.42 2.39
CD2 DTR A 5 -2.62 8.24 2.89
C DTR A 5 0.37 7.11 1.21
O DTR A 5 0.63 5.91 1.17
H DTR A 5 2.06 6.32 2.94
HA DTR A 5 1.56 8.81 1.74
HB2 DTR A 5 -0.33 9.62 2.73
HB3 DTR A 5 0.35 8.79 4.13
HD1 DTR A 5 -0.56 5.95 4.02
HE1 DTR A 5 -3.04 5.24 3.89
HZ2 DTR A 5 -5.50 6.36 3.12
HH2 DTR A 5 -6.42 8.47 2.24
HZ3 DTR A 5 -4.99 10.38 1.77
HE3 DTR A 5 -2.56 10.28 2.18
N SER A 6 -0.48 7.69 0.37
CA SER A 6 -1.17 6.93 -0.66
C SER A 6 -0.44 7.03 -2.00
N DAB A 7 0.18 5.90 -2.43
CA DAB A 7 0.83 5.77 -3.74
C DAB A 7 0.63 4.38 -4.32
O DAB A 7 1.35 3.87 -5.15
CB DAB A 7 2.35 6.09 -3.62
CG DAB A 7 2.77 7.53 -3.25
ND DAB A 7 4.27 7.69 -3.11
H DAB A 7 0.08 5.09 -1.82
HA DAB A 7 0.39 6.48 -4.47
HB2 DAB A 7 2.86 5.80 -4.57
HB3 DAB A 7 2.76 5.41 -2.83
HG2 DAB A 7 2.33 7.79 -2.26
HG3 DAB A 7 2.38 8.28 -3.99
HD1 DAB A 7 4.72 7.84 -4.04
HD2 DAB A 7 4.46 8.55 -2.54
HZ1 DAB A 7 4.68 6.87 -2.60
N 4FO A 8 -0.44 3.67 -3.87
CA 4FO A 8 -0.72 2.27 -4.23
C 4FO A 8 0.35 1.33 -3.68
O 4FO A 8 1.25 0.92 -4.42
CB 4FO A 8 -2.12 1.84 -3.74
CG 4FO A 8 -3.36 2.51 -4.37
NZ 4FO A 8 -3.63 2.05 -5.79
H2 4FO A 8 -1.02 4.13 -3.17
HA 4FO A 8 -0.69 2.15 -5.35
HB2 4FO A 8 -2.22 0.73 -3.84
HB3 4FO A 8 -2.15 2.05 -2.64
HG3 4FO A 8 -3.28 3.62 -4.34
HG2 4FO A 8 -4.26 2.23 -3.77
HZ3 4FO A 8 -4.54 2.41 -6.12
HZ2 4FO A 8 -2.84 2.34 -6.42
HZ1 4FO A 8 -3.68 1.02 -5.79
N PHE A 9 0.27 1.00 -2.40
CA PHE A 9 1.22 0.10 -1.76
C PHE A 9 0.56 -1.22 -1.38
N GLU A 10 -0.07 -1.86 -2.35
CA GLU A 10 -0.75 -3.13 -2.10
C GLU A 10 -1.76 -3.01 -0.98
N VAL A 11 -2.68 -2.05 -1.12
CA VAL A 11 -3.71 -1.83 -0.11
C VAL A 11 -4.81 -2.88 -0.20
N 28J A 12 -4.44 -4.15 0.11
CA 28J A 12 -5.34 -5.31 -0.03
CB 28J A 12 -5.44 -5.75 -1.50
CG2 28J A 12 -6.40 -4.83 -2.28
CG1 28J A 12 -4.05 -5.81 -2.15
CD1 28J A 12 -3.08 -6.80 -1.47
C 28J A 12 -6.69 -5.06 0.63
O 28J A 12 -6.88 -4.10 1.38
H 28J A 12 -3.46 -4.29 0.37
HA 28J A 12 -4.91 -6.17 0.55
H22 28J A 12 -5.87 -6.79 -1.52
H23 28J A 12 -7.34 -4.63 -1.71
H24 28J A 12 -5.94 -3.83 -2.48
H25 28J A 12 -6.68 -5.27 -3.26
H26 28J A 12 -4.14 -6.10 -3.23
H27 28J A 12 -3.59 -4.81 -2.13
H28 28J A 12 -2.35 -7.22 -2.18
H29 28J A 12 -2.50 -6.27 -0.67
H30 28J A 12 -3.64 -7.63 -0.98
N ALA A 13 -7.64 -5.94 0.33
CA ALA A 13 -8.99 -5.82 0.87
C ALA A 13 -8.95 -5.69 2.39
N 4N3 A 1 6.04 -2.85 6.47
CA 4N3 A 1 5.56 -2.33 5.20
CB 4N3 A 1 4.19 -1.64 5.35
CG1 4N3 A 1 3.17 -2.62 5.93
CG2 4N3 A 1 3.71 -1.10 4.02
C 4N3 A 1 5.45 -3.44 4.16
O 4N3 A 1 4.73 -4.41 4.26
CO1 4N3 A 1 7.34 -2.96 6.74
O2 4N3 A 1 8.21 -2.78 5.89
CD 4N3 A 1 7.72 -3.31 8.19
CE 4N3 A 1 8.95 -2.49 8.62
CF 4N3 A 1 10.24 -3.28 8.27
CH 4N3 A 1 10.64 -4.14 9.49
CI 4N3 A 1 9.99 -5.53 9.38
CJ 4N3 A 1 10.79 -6.53 10.23
CK 4N3 A 1 10.28 -7.96 9.96
H1 4N3 A 1 5.40 -3.13 7.15
HA 4N3 A 1 6.27 -1.60 4.85
HB 4N3 A 1 4.30 -0.82 6.03
HG13 4N3 A 1 3.64 -3.58 6.10
HG11 4N3 A 1 2.35 -2.73 5.25
HG12 4N3 A 1 2.80 -2.23 6.88
HG22 4N3 A 1 2.73 -0.67 4.13
HG23 4N3 A 1 3.67 -1.90 3.29
HG21 4N3 A 1 4.40 -0.35 3.68
HD2 4N3 A 1 6.88 -3.08 8.85
HD1 4N3 A 1 7.94 -4.37 8.26
HE1 4N3 A 1 8.96 -1.54 8.09
HE2 4N3 A 1 8.91 -2.31 9.69
HF2 4N3 A 1 11.03 -2.58 8.03
HF1 4N3 A 1 10.04 -3.93 7.42
HH1 4N3 A 1 10.31 -3.65 10.40
HH2 4N3 A 1 11.73 -4.24 9.51
HI1 4N3 A 1 8.97 -5.48 9.75
HI2 4N3 A 1 9.99 -5.85 8.34
HJ1 4N3 A 1 10.68 -6.29 11.29
HJ2 4N3 A 1 11.84 -6.48 9.96
HK3 4N3 A 1 10.17 -8.49 10.90
HK2 4N3 A 1 10.99 -8.49 9.32
HK1 4N3 A 1 9.32 -7.91 9.44
N 4FO A 2 6.23 -3.32 3.06
CA 4FO A 2 6.19 -4.23 1.90
C 4FO A 2 5.09 -3.81 0.92
O 4FO A 2 4.31 -4.65 0.48
CB 4FO A 2 7.55 -4.28 1.19
CG 4FO A 2 8.24 -2.94 0.80
NZ 4FO A 2 9.66 -3.13 0.30
H2 4FO A 2 6.82 -2.48 3.02
HA 4FO A 2 5.92 -5.26 2.24
HB2 4FO A 2 8.27 -4.88 1.81
HB3 4FO A 2 7.40 -4.86 0.25
HG3 4FO A 2 8.24 -2.23 1.65
HG2 4FO A 2 7.66 -2.48 -0.04
HZ3 4FO A 2 9.72 -3.99 -0.31
HZ2 4FO A 2 9.99 -2.28 -0.20
HZ1 4FO A 2 10.27 -3.30 1.13
N GLY A 3 5.05 -2.53 0.58
CA GLY A 3 4.04 -2.05 -0.35
C GLY A 3 4.62 -1.07 -1.37
N DSN A 4 5.50 -0.20 -0.91
CA DSN A 4 6.12 0.79 -1.78
C DSN A 4 5.79 2.21 -1.32
O DSN A 4 6.64 3.09 -1.31
CB DSN A 4 7.64 0.60 -1.80
OG DSN A 4 8.19 0.99 -3.04
H DSN A 4 5.74 -0.21 0.04
HA DSN A 4 5.73 0.64 -2.78
HB2 DSN A 4 7.87 -0.44 -1.63
HB3 DSN A 4 8.08 1.19 -1.02
HG DSN A 4 8.46 1.91 -3.00
N DTR A 5 4.52 2.43 -0.96
CA DTR A 5 4.07 3.74 -0.50
CB DTR A 5 4.46 3.95 0.96
CG DTR A 5 3.43 3.47 1.92
CD1 DTR A 5 2.85 2.23 1.96
NE1 DTR A 5 1.95 2.16 3.00
CE2 DTR A 5 1.94 3.37 3.66
CZ2 DTR A 5 1.19 3.78 4.75
CH2 DTR A 5 1.38 5.06 5.20
CZ3 DTR A 5 2.29 5.92 4.58
CE3 DTR A 5 3.03 5.51 3.49
CD2 DTR A 5 2.86 4.22 3.00
C DTR A 5 2.56 3.87 -0.66
O DTR A 5 1.90 2.97 -1.17
H DTR A 5 3.88 1.68 -0.99
HA DTR A 5 4.56 4.48 -1.12
HB2 DTR A 5 4.62 5.01 1.13
HB3 DTR A 5 5.39 3.42 1.16
HD1 DTR A 5 3.08 1.43 1.28
HE1 DTR A 5 1.41 1.38 3.23
HZ2 DTR A 5 0.48 3.12 5.25
HH2 DTR A 5 0.82 5.42 6.06
HZ3 DTR A 5 2.41 6.93 4.97
HE3 DTR A 5 3.72 6.19 3.02
N SER A 6 2.03 5.01 -0.22
CA SER A 6 0.60 5.26 -0.32
C SER A 6 0.22 5.79 -1.70
N DAB A 7 -0.36 4.90 -2.55
CA DAB A 7 -0.88 5.24 -3.87
C DAB A 7 -2.18 4.50 -4.17
O DAB A 7 -2.63 4.32 -5.27
CB DAB A 7 0.17 4.94 -4.98
CG DAB A 7 1.39 5.88 -5.11
ND DAB A 7 2.00 5.85 -6.50
H DAB A 7 -0.49 3.96 -2.18
HA DAB A 7 -1.12 6.33 -3.93
HB2 DAB A 7 -0.34 4.86 -5.97
HB3 DAB A 7 0.57 3.91 -4.77
HG2 DAB A 7 2.19 5.53 -4.41
HG3 DAB A 7 1.12 6.92 -4.84
HD1 DAB A 7 2.04 4.88 -6.87
HD2 DAB A 7 1.38 6.41 -7.14
HZ1 DAB A 7 2.94 6.31 -6.49
N 4FO A 8 -2.86 3.99 -3.10
CA 4FO A 8 -4.06 3.16 -3.20
C 4FO A 8 -3.74 1.81 -3.85
O 4FO A 8 -4.58 1.26 -4.57
CB 4FO A 8 -4.70 2.94 -1.80
CG 4FO A 8 -4.48 4.03 -0.72
NZ 4FO A 8 -3.24 3.79 0.11
H2 4FO A 8 -2.44 4.17 -2.18
HA 4FO A 8 -4.82 3.65 -3.85
HB2 4FO A 8 -5.79 2.76 -1.93
HB3 4FO A 8 -4.28 1.99 -1.40
HG3 4FO A 8 -5.37 4.11 -0.05
HG2 4FO A 8 -4.35 5.01 -1.22
HZ3 4FO A 8 -2.73 2.94 -0.22
HZ2 4FO A 8 -2.63 4.65 0.11
HZ1 4FO A 8 -3.54 3.61 1.10
N PHE A 9 -2.55 1.29 -3.59
CA PHE A 9 -2.14 0.00 -4.15
C PHE A 9 -3.06 -1.11 -3.67
N GLU A 10 -2.61 -2.35 -3.84
CA GLU A 10 -3.39 -3.51 -3.42
C GLU A 10 -3.45 -3.61 -1.91
N VAL A 11 -4.25 -2.75 -1.29
CA VAL A 11 -4.39 -2.74 0.16
C VAL A 11 -5.85 -2.87 0.57
N 28J A 12 -6.24 -4.08 1.07
CA 28J A 12 -7.62 -4.41 1.41
CB 28J A 12 -8.42 -4.80 0.15
CG2 28J A 12 -8.76 -3.57 -0.70
CG1 28J A 12 -7.66 -5.88 -0.67
CD1 28J A 12 -6.67 -5.29 -1.69
C 28J A 12 -8.29 -3.30 2.21
O 28J A 12 -7.64 -2.43 2.78
H 28J A 12 -5.51 -4.79 1.12
HA 28J A 12 -7.63 -5.28 2.10
H22 28J A 12 -9.39 -5.27 0.48
H23 28J A 12 -7.84 -3.08 -1.11
H24 28J A 12 -9.38 -3.84 -1.60
H25 28J A 12 -9.33 -2.82 -0.12
H26 28J A 12 -7.11 -6.56 0.03
H27 28J A 12 -8.39 -6.50 -1.23
H28 28J A 12 -6.30 -4.29 -1.38
H29 28J A 12 -5.78 -5.95 -1.81
H30 28J A 12 -7.15 -5.18 -2.69
N ALA A 13 -9.62 -3.33 2.24
CA ALA A 13 -10.40 -2.33 2.96
C ALA A 13 -10.82 -2.86 4.33
N 4N3 A 1 7.99 -4.14 4.56
CA 4N3 A 1 7.64 -2.72 4.62
CB 4N3 A 1 6.23 -2.52 5.19
CG1 4N3 A 1 5.19 -3.18 4.29
CG2 4N3 A 1 5.93 -1.03 5.36
C 4N3 A 1 7.73 -2.06 3.25
O 4N3 A 1 7.45 -2.60 2.20
CO1 4N3 A 1 9.21 -4.56 4.88
O2 4N3 A 1 9.64 -4.54 6.03
CD 4N3 A 1 10.07 -5.12 3.73
CE 4N3 A 1 11.45 -5.52 4.27
CF 4N3 A 1 11.34 -6.89 4.97
CH 4N3 A 1 12.45 -7.01 6.03
CI 4N3 A 1 13.81 -7.18 5.33
CJ 4N3 A 1 14.91 -7.42 6.38
CK 4N3 A 1 15.46 -6.07 6.87
H1 4N3 A 1 7.32 -4.78 4.27
HA 4N3 A 1 8.35 -2.23 5.29
HB 4N3 A 1 6.18 -2.98 6.16
HG13 4N3 A 1 4.67 -2.42 3.73
HG11 4N3 A 1 4.48 -3.73 4.90
HG12 4N3 A 1 5.69 -3.86 3.62
HG22 4N3 A 1 5.30 -0.89 6.23
HG23 4N3 A 1 5.40 -0.67 4.49
HG21 4N3 A 1 6.85 -0.49 5.48
HD2 4N3 A 1 9.58 -5.98 3.29
HD1 4N3 A 1 10.19 -4.34 2.97
HE1 4N3 A 1 12.16 -5.60 3.44
HE2 4N3 A 1 11.80 -4.78 4.98
HF2 4N3 A 1 11.45 -7.69 4.24
HF1 4N3 A 1 10.37 -6.97 5.46
HH1 4N3 A 1 12.26 -7.87 6.66
HH2 4N3 A 1 12.47 -6.11 6.64
HI1 4N3 A 1 13.76 -8.04 4.66
HI2 4N3 A 1 14.04 -6.28 4.76
HJ1 4N3 A 1 15.71 -8.01 5.95
HJ2 4N3 A 1 14.48 -7.97 7.23
HK3 4N3 A 1 15.06 -5.27 6.25
HK2 4N3 A 1 16.55 -6.07 6.79
HK1 4N3 A 1 15.17 -5.91 7.90
N 4FO A 2 8.15 -0.77 3.22
CA 4FO A 2 8.19 0.06 2.01
C 4FO A 2 6.80 0.27 1.44
O 4FO A 2 6.57 0.03 0.26
CB 4FO A 2 8.87 1.42 2.30
CG 4FO A 2 8.27 2.33 3.40
NZ 4FO A 2 9.29 3.26 4.03
H2 4FO A 2 8.37 -0.36 4.13
HA 4FO A 2 8.78 -0.46 1.21
HB2 4FO A 2 9.95 1.25 2.52
HB3 4FO A 2 8.84 2.00 1.34
HG3 4FO A 2 7.77 1.73 4.20
HG2 4FO A 2 7.48 2.98 2.94
HZ3 4FO A 2 9.38 3.07 5.06
HZ2 4FO A 2 10.20 3.18 3.54
HZ1 4FO A 2 8.94 4.24 3.92
N GLY A 3 5.86 0.73 2.27
CA GLY A 3 4.52 0.96 1.81
C GLY A 3 4.14 2.44 1.83
N DSN A 4 4.42 3.10 2.95
CA DSN A 4 4.11 4.52 3.10
C DSN A 4 2.65 4.73 3.46
O DSN A 4 1.96 5.57 2.89
CB DSN A 4 5.01 5.15 4.16
OG DSN A 4 5.09 6.55 3.99
H DSN A 4 4.83 2.62 3.70
HA DSN A 4 4.30 4.99 2.14
HB2 DSN A 4 6.01 4.74 4.07
HB3 DSN A 4 4.62 4.94 5.14
HG DSN A 4 5.97 6.86 4.18
N DTR A 5 2.17 3.94 4.42
CA DTR A 5 0.78 4.04 4.87
CB DTR A 5 0.60 3.28 6.19
CG DTR A 5 0.20 1.85 5.99
CD1 DTR A 5 0.85 0.91 5.22
NE1 DTR A 5 0.19 -0.29 5.30
CE2 DTR A 5 -0.89 -0.16 6.12
CZ2 DTR A 5 -1.86 -1.09 6.51
CH2 DTR A 5 -2.84 -0.68 7.36
CZ3 DTR A 5 -2.89 0.65 7.83
CE3 DTR A 5 -1.94 1.57 7.45
CD2 DTR A 5 -0.92 1.17 6.58
C DTR A 5 -0.17 3.49 3.82
O DTR A 5 0.25 3.07 2.74
H DTR A 5 2.76 3.28 4.84
HA DTR A 5 0.56 5.08 5.04
HB2 DTR A 5 -0.17 3.76 6.77
HB3 DTR A 5 1.53 3.29 6.74
HD1 DTR A 5 1.74 1.11 4.65
HE1 DTR A 5 0.46 -1.11 4.84
HZ2 DTR A 5 -1.83 -2.11 6.15
HH2 DTR A 5 -3.61 -1.36 7.68
HZ3 DTR A 5 -3.69 0.94 8.50
HE3 DTR A 5 -1.99 2.59 7.82
N SER A 6 -1.46 3.50 4.13
CA SER A 6 -2.47 3.00 3.20
C SER A 6 -2.88 4.08 2.20
N DAB A 7 -2.29 4.02 0.97
CA DAB A 7 -2.63 4.91 -0.14
C DAB A 7 -3.37 4.15 -1.23
O DAB A 7 -4.07 4.66 -2.07
CB DAB A 7 -1.36 5.57 -0.72
CG DAB A 7 -0.61 6.61 0.15
ND DAB A 7 -1.52 7.72 0.66
H DAB A 7 -1.63 3.26 0.85
HA DAB A 7 -3.32 5.72 0.20
HB2 DAB A 7 -1.60 6.04 -1.71
HB3 DAB A 7 -0.64 4.74 -0.94
HG2 DAB A 7 0.17 7.11 -0.49
HG3 DAB A 7 -0.08 6.12 1.00
HD1 DAB A 7 -1.77 8.37 -0.11
HD2 DAB A 7 -2.40 7.27 1.00
HZ1 DAB A 7 -1.07 8.21 1.47
N 4FO A 8 -3.23 2.80 -1.26
CA 4FO A 8 -3.78 1.92 -2.30
C 4FO A 8 -2.67 1.34 -3.17
O 4FO A 8 -2.54 1.71 -4.34
CB 4FO A 8 -4.63 0.78 -1.68
CG 4FO A 8 -5.68 1.16 -0.59
NZ 4FO A 8 -5.05 1.41 0.76
H2 4FO A 8 -2.63 2.40 -0.53
HA 4FO A 8 -4.44 2.50 -2.99
HB2 4FO A 8 -5.15 0.22 -2.49
HB3 4FO A 8 -3.91 0.06 -1.21
HG3 4FO A 8 -6.46 0.37 -0.50
HG2 4FO A 8 -6.18 2.11 -0.89
HZ3 4FO A 8 -4.90 2.43 0.92
HZ2 4FO A 8 -5.63 0.98 1.52
HZ1 4FO A 8 -4.11 0.95 0.78
N PHE A 9 -1.88 0.43 -2.61
CA PHE A 9 -0.80 -0.21 -3.35
C PHE A 9 -0.87 -1.73 -3.23
N GLU A 10 -1.23 -2.20 -2.05
CA GLU A 10 -1.33 -3.64 -1.80
C GLU A 10 -2.56 -3.96 -0.98
N VAL A 11 -3.70 -3.37 -1.35
CA VAL A 11 -4.95 -3.60 -0.65
C VAL A 11 -6.10 -2.87 -1.32
N 28J A 12 -7.25 -3.59 -1.51
CA 28J A 12 -8.41 -3.10 -2.24
CB 28J A 12 -8.32 -3.45 -3.74
CG2 28J A 12 -9.50 -2.85 -4.53
CG1 28J A 12 -6.95 -3.01 -4.32
CD1 28J A 12 -5.83 -4.04 -4.15
C 28J A 12 -8.64 -1.61 -2.00
O 28J A 12 -8.05 -0.74 -2.65
H 28J A 12 -7.22 -4.55 -1.17
HA 28J A 12 -9.34 -3.59 -1.84
H22 28J A 12 -8.37 -4.56 -3.84
H23 28J A 12 -9.60 -1.76 -4.36
H24 28J A 12 -9.37 -2.99 -5.63
H25 28J A 12 -10.46 -3.34 -4.25
H26 28J A 12 -7.07 -2.76 -5.41
H27 28J A 12 -6.63 -2.07 -3.80
H28 28J A 12 -5.63 -4.58 -5.10
H29 28J A 12 -4.88 -3.55 -3.85
H30 28J A 12 -6.09 -4.79 -3.37
N ALA A 13 -9.51 -1.32 -1.03
CA ALA A 13 -9.83 0.07 -0.68
C ALA A 13 -9.00 0.53 0.51
N 4N3 A 1 6.30 -3.37 5.24
CA 4N3 A 1 5.70 -2.67 4.11
CB 4N3 A 1 4.21 -2.38 4.35
CG1 4N3 A 1 3.45 -3.69 4.55
CG2 4N3 A 1 3.62 -1.58 3.20
C 4N3 A 1 5.86 -3.46 2.82
O 4N3 A 1 5.64 -4.64 2.70
CO1 4N3 A 1 6.52 -2.77 6.40
O2 4N3 A 1 5.74 -1.95 6.88
CD 4N3 A 1 7.80 -3.16 7.15
CE 4N3 A 1 8.11 -2.13 8.24
CF 4N3 A 1 8.86 -0.93 7.61
CH 4N3 A 1 9.71 -0.23 8.69
CI 4N3 A 1 11.05 -0.97 8.84
CJ 4N3 A 1 11.82 -0.40 10.05
CK 4N3 A 1 12.45 0.95 9.65
H1 4N3 A 1 6.56 -4.31 5.13
HA 4N3 A 1 6.21 -1.71 4.00
HB 4N3 A 1 4.11 -1.80 5.25
HG13 4N3 A 1 2.84 -3.88 3.67
HG11 4N3 A 1 2.81 -3.60 5.41
HG12 4N3 A 1 4.15 -4.49 4.70
HG22 4N3 A 1 2.74 -1.06 3.54
HG23 4N3 A 1 3.35 -2.26 2.39
HG21 4N3 A 1 4.36 -0.87 2.84
HD2 4N3 A 1 7.66 -4.14 7.61
HD1 4N3 A 1 8.63 -3.21 6.45
HE1 4N3 A 1 7.17 -1.77 8.68
HE2 4N3 A 1 8.72 -2.57 9.01
HF2 4N3 A 1 8.14 -0.22 7.21
HF1 4N3 A 1 9.51 -1.29 6.81
HH1 4N3 A 1 9.17 -0.25 9.64
HH2 4N3 A 1 9.89 0.80 8.39
HI1 4N3 A 1 10.87 -2.04 9.01
HI2 4N3 A 1 11.64 -0.84 7.94
HJ1 4N3 A 1 12.60 -1.09 10.35
HJ2 4N3 A 1 11.13 -0.24 10.87
HK3 4N3 A 1 13.53 0.83 9.54
HK2 4N3 A 1 12.26 1.69 10.42
HK1 4N3 A 1 12.03 1.29 8.70
N 4FO A 2 6.27 -2.76 1.72
CA 4FO A 2 6.37 -3.32 0.37
C 4FO A 2 5.32 -2.72 -0.55
O 4FO A 2 4.55 -3.46 -1.17
CB 4FO A 2 7.79 -3.08 -0.21
CG 4FO A 2 8.41 -1.66 -0.12
NZ 4FO A 2 9.91 -1.65 -0.35
H2 4FO A 2 6.44 -1.76 1.88
HA 4FO A 2 6.19 -4.41 0.40
HB2 4FO A 2 8.50 -3.81 0.25
HB3 4FO A 2 7.74 -3.35 -1.30
HG3 4FO A 2 8.17 -1.18 0.86
HG2 4FO A 2 7.96 -1.03 -0.93
HZ3 4FO A 2 10.35 -0.85 0.15
HZ2 4FO A 2 10.33 -2.56 -0.05
HZ1 4FO A 2 10.08 -1.53 -1.36
N GLY A 3 5.28 -1.39 -0.65
CA GLY A 3 4.31 -0.75 -1.52
C GLY A 3 4.96 -0.04 -2.69
N DSN A 4 6.16 0.48 -2.46
CA DSN A 4 6.89 1.19 -3.51
C DSN A 4 6.10 2.39 -4.00
O DSN A 4 6.25 2.83 -5.14
CB DSN A 4 8.26 1.63 -2.99
OG DSN A 4 9.06 0.52 -2.65
H DSN A 4 6.57 0.37 -1.57
HA DSN A 4 7.03 0.51 -4.34
HB2 DSN A 4 8.13 2.25 -2.12
HB3 DSN A 4 8.76 2.20 -3.76
HG DSN A 4 9.88 0.53 -3.16
N DTR A 5 5.26 2.94 -3.12
CA DTR A 5 4.45 4.10 -3.48
CB DTR A 5 4.62 5.20 -2.41
CG DTR A 5 3.54 5.19 -1.37
CD1 DTR A 5 3.21 4.15 -0.54
NE1 DTR A 5 2.17 4.52 0.27
CE2 DTR A 5 1.82 5.81 -0.01
CZ2 DTR A 5 0.83 6.62 0.56
CH2 DTR A 5 0.69 7.89 0.07
CZ3 DTR A 5 1.52 8.37 -0.96
CE3 DTR A 5 2.50 7.57 -1.52
CD2 DTR A 5 2.66 6.26 -1.04
C DTR A 5 2.97 3.72 -3.59
O DTR A 5 2.61 2.56 -3.36
H DTR A 5 5.19 2.55 -2.23
HA DTR A 5 4.80 4.47 -4.42
HB2 DTR A 5 4.60 6.15 -2.90
HB3 DTR A 5 5.56 5.06 -1.91
HD1 DTR A 5 3.69 3.19 -0.55
HE1 DTR A 5 1.75 3.95 0.95
HZ2 DTR A 5 0.18 6.27 1.34
HH2 DTR A 5 -0.06 8.55 0.47
HZ3 DTR A 5 1.38 9.38 -1.33
HE3 DTR A 5 3.13 7.95 -2.32
N SER A 6 2.15 4.68 -3.96
CA SER A 6 0.72 4.45 -4.11
C SER A 6 0.36 4.18 -5.57
N DAB A 7 0.19 2.86 -5.91
CA DAB A 7 -0.26 2.40 -7.23
C DAB A 7 -1.61 1.71 -7.14
O DAB A 7 -2.18 1.23 -8.08
CB DAB A 7 0.79 1.46 -7.87
CG DAB A 7 2.25 1.98 -8.02
ND DAB A 7 3.23 0.87 -8.39
H DAB A 7 0.32 2.19 -5.15
HA DAB A 7 -0.39 3.29 -7.91
HB2 DAB A 7 0.43 1.12 -8.87
HB3 DAB A 7 0.83 0.55 -7.22
HG2 DAB A 7 2.59 2.39 -7.05
HG3 DAB A 7 2.31 2.80 -8.78
HD1 DAB A 7 2.91 0.36 -9.25
HD2 DAB A 7 4.15 1.32 -8.63
HZ1 DAB A 7 3.37 0.23 -7.58
N 4FO A 8 -2.19 1.64 -5.91
CA 4FO A 8 -3.43 0.91 -5.63
C 4FO A 8 -3.15 -0.56 -5.35
O 4FO A 8 -3.34 -1.40 -6.23
CB 4FO A 8 -4.19 1.56 -4.43
CG 4FO A 8 -4.75 2.99 -4.61
NZ 4FO A 8 -5.68 3.40 -3.47
H2 4FO A 8 -1.66 2.07 -5.15
HA 4FO A 8 -4.11 0.94 -6.52
HB2 4FO A 8 -5.02 0.88 -4.12
HB3 4FO A 8 -3.47 1.59 -3.58
HG3 4FO A 8 -5.28 3.10 -5.58
HG2 4FO A 8 -3.90 3.71 -4.61
HZ3 4FO A 8 -6.47 2.73 -3.38
HZ2 4FO A 8 -5.14 3.49 -2.59
HZ1 4FO A 8 -6.08 4.33 -3.71
N PHE A 9 -2.71 -0.87 -4.13
CA PHE A 9 -2.42 -2.25 -3.75
C PHE A 9 -3.42 -2.74 -2.70
N GLU A 10 -4.67 -2.91 -3.10
CA GLU A 10 -5.71 -3.38 -2.20
C GLU A 10 -5.55 -2.75 -0.82
N VAL A 11 -5.24 -1.45 -0.79
CA VAL A 11 -5.06 -0.74 0.46
C VAL A 11 -6.26 -0.93 1.38
N 28J A 12 -6.01 -0.91 2.72
CA 28J A 12 -7.02 -1.18 3.75
CB 28J A 12 -8.05 -0.04 3.83
CG2 28J A 12 -9.05 -0.28 4.97
CG1 28J A 12 -7.33 1.32 3.97
CD1 28J A 12 -6.69 1.54 5.35
C 28J A 12 -6.38 -1.52 5.10
O 28J A 12 -5.32 -1.01 5.45
H 28J A 12 -5.03 -0.78 2.98
HA 28J A 12 -7.57 -2.12 3.48
H22 28J A 12 -8.62 -0.01 2.87
H23 28J A 12 -9.68 -1.18 4.79
H24 28J A 12 -8.54 -0.45 5.95
H25 28J A 12 -9.74 0.58 5.10
H26 28J A 12 -6.54 1.42 3.19
H27 28J A 12 -8.07 2.15 3.80
H28 28J A 12 -6.92 0.71 6.06
H29 28J A 12 -5.58 1.60 5.27
H30 28J A 12 -7.04 2.50 5.81
N ALA A 13 -7.05 -2.38 5.85
CA ALA A 13 -6.57 -2.79 7.16
C ALA A 13 -5.33 -3.67 7.04
N 4N3 A 1 8.50 -5.29 4.72
CA 4N3 A 1 7.28 -4.53 4.45
CB 4N3 A 1 6.09 -5.06 5.27
CG1 4N3 A 1 5.86 -6.54 4.97
CG2 4N3 A 1 4.84 -4.25 5.00
C 4N3 A 1 6.92 -4.58 2.97
O 4N3 A 1 6.79 -5.58 2.31
CO1 4N3 A 1 8.90 -5.54 5.96
O2 4N3 A 1 9.01 -6.68 6.41
CD 4N3 A 1 9.24 -4.32 6.84
CE 4N3 A 1 10.56 -3.68 6.33
CF 4N3 A 1 11.75 -4.32 7.07
CH 4N3 A 1 12.22 -5.57 6.29
CI 4N3 A 1 13.09 -5.13 5.10
CJ 4N3 A 1 13.85 -6.34 4.55
CK 4N3 A 1 12.93 -7.18 3.65
H1 4N3 A 1 9.03 -5.61 3.96
HA 4N3 A 1 7.45 -3.50 4.74
HB 4N3 A 1 6.33 -4.97 6.32
HG13 4N3 A 1 6.58 -6.87 4.24
HG11 4N3 A 1 4.87 -6.67 4.57
HG12 4N3 A 1 5.97 -7.12 5.87
HG22 4N3 A 1 4.31 -4.09 5.92
HG23 4N3 A 1 4.21 -4.78 4.31
HG21 4N3 A 1 5.12 -3.30 4.57
HD2 4N3 A 1 8.44 -3.58 6.77
HD1 4N3 A 1 9.36 -4.63 7.87
HE1 4N3 A 1 10.66 -3.85 5.26
HE2 4N3 A 1 10.54 -2.62 6.54
HF2 4N3 A 1 11.44 -4.63 8.07
HF1 4N3 A 1 12.57 -3.62 7.13
HH1 4N3 A 1 11.36 -6.11 5.92
HH2 4N3 A 1 12.80 -6.21 6.95
HI1 4N3 A 1 12.45 -4.72 4.31
HI2 4N3 A 1 13.79 -4.37 5.42
HJ1 4N3 A 1 14.21 -6.96 5.37
HJ2 4N3 A 1 14.71 -6.00 3.96
HK3 4N3 A 1 12.59 -6.56 2.80
HK2 4N3 A 1 12.07 -7.51 4.22
HK1 4N3 A 1 13.47 -8.04 3.26
N 4FO A 2 6.73 -3.37 2.36
CA 4FO A 2 6.28 -3.21 0.97
C 4FO A 2 5.26 -2.08 0.86
O 4FO A 2 4.24 -2.25 0.18
CB 4FO A 2 7.48 -2.96 0.02
CG 4FO A 2 8.16 -1.57 0.06
NZ 4FO A 2 9.34 -1.47 -0.88
H2 4FO A 2 6.85 -2.54 2.96
HA 4FO A 2 5.76 -4.14 0.63
HB2 4FO A 2 8.25 -3.74 0.19
HB3 4FO A 2 7.10 -3.12 -1.02
HG3 4FO A 2 8.48 -1.30 1.09
HG2 4FO A 2 7.42 -0.81 -0.28
HZ3 4FO A 2 9.90 -0.60 -0.69
HZ2 4FO A 2 9.93 -2.34 -0.83
HZ1 4FO A 2 8.97 -1.39 -1.86
N GLY A 3 5.54 -0.94 1.49
CA GLY A 3 4.63 0.17 1.43
C GLY A 3 5.33 1.47 1.04
N DSN A 4 5.83 2.19 2.04
CA DSN A 4 6.53 3.44 1.80
C DSN A 4 5.60 4.63 2.04
O DSN A 4 6.05 5.72 2.39
CB DSN A 4 7.75 3.55 2.70
OG DSN A 4 7.42 4.14 3.95
H DSN A 4 5.72 1.86 2.96
HA DSN A 4 6.85 3.45 0.77
HB2 DSN A 4 8.51 4.15 2.23
HB3 DSN A 4 8.15 2.56 2.89
HG DSN A 4 7.33 3.45 4.62
N DTR A 5 4.31 4.42 1.83
CA DTR A 5 3.32 5.47 2.01
CB DTR A 5 3.02 5.66 3.50
CG DTR A 5 1.93 4.77 4.01
CD1 DTR A 5 1.83 3.41 3.84
NE1 DTR A 5 0.70 2.94 4.46
CE2 DTR A 5 0.03 4.00 5.02
CZ2 DTR A 5 -1.16 4.03 5.74
CH2 DTR A 5 -1.60 5.24 6.20
CZ3 DTR A 5 -0.88 6.41 5.96
CE3 DTR A 5 0.31 6.39 5.25
CD2 DTR A 5 0.78 5.17 4.77
C DTR A 5 2.03 5.15 1.27
O DTR A 5 1.95 4.15 0.56
H DTR A 5 4.01 3.52 1.54
HA DTR A 5 3.74 6.38 1.63
HB2 DTR A 5 2.72 6.68 3.68
HB3 DTR A 5 3.92 5.44 4.07
HD1 DTR A 5 2.56 2.82 3.32
HE1 DTR A 5 0.40 2.01 4.47
HZ2 DTR A 5 -1.74 3.13 5.93
HH2 DTR A 5 -2.52 5.31 6.75
HZ3 DTR A 5 -1.25 7.35 6.33
HE3 DTR A 5 0.85 7.31 5.07
N SER A 6 1.03 6.00 1.43
CA SER A 6 -0.26 5.81 0.76
C SER A 6 -0.20 6.27 -0.69
N DAB A 7 -0.29 5.28 -1.63
CA DAB A 7 -0.35 5.52 -3.07
C DAB A 7 -1.24 4.50 -3.76
O DAB A 7 -1.12 4.15 -4.91
CB DAB A 7 1.07 5.52 -3.69
CG DAB A 7 2.06 6.62 -3.26
ND DAB A 7 3.44 6.43 -3.86
H DAB A 7 -0.40 4.34 -1.27
HA DAB A 7 -0.82 6.52 -3.28
HB2 DAB A 7 0.98 5.53 -4.81
HB3 DAB A 7 1.53 4.53 -3.44
HG2 DAB A 7 2.19 6.57 -2.16
HG3 DAB A 7 1.68 7.63 -3.52
HD1 DAB A 7 3.63 5.42 -4.03
HD2 DAB A 7 3.46 6.91 -4.79
HZ1 DAB A 7 4.17 6.87 -3.25
N 4FO A 8 -2.22 3.92 -3.02
CA 4FO A 8 -3.09 2.82 -3.48
C 4FO A 8 -2.26 1.63 -3.95
O 4FO A 8 -2.08 1.46 -5.16
CB 4FO A 8 -4.07 2.38 -2.37
CG 4FO A 8 -5.19 3.37 -1.94
NZ 4FO A 8 -6.27 2.72 -1.10
H2 4FO A 8 -2.28 4.24 -2.05
HA 4FO A 8 -3.69 3.17 -4.36
HB2 4FO A 8 -4.54 1.41 -2.65
HB3 4FO A 8 -3.46 2.17 -1.46
HG3 4FO A 8 -5.65 3.87 -2.82
HG2 4FO A 8 -4.73 4.17 -1.30
HZ3 4FO A 8 -6.06 1.70 -0.96
HZ2 4FO A 8 -6.39 3.22 -0.20
HZ1 4FO A 8 -7.17 2.77 -1.64
N PHE A 9 -1.78 0.82 -3.02
CA PHE A 9 -0.99 -0.35 -3.37
C PHE A 9 -1.73 -1.64 -3.03
N GLU A 10 -2.86 -1.85 -3.70
CA GLU A 10 -3.67 -3.04 -3.47
C GLU A 10 -3.98 -3.21 -1.99
N VAL A 11 -4.08 -2.09 -1.28
CA VAL A 11 -4.37 -2.11 0.15
C VAL A 11 -5.85 -1.82 0.41
N 28J A 12 -6.48 -2.67 1.27
CA 28J A 12 -7.91 -2.62 1.56
CB 28J A 12 -8.28 -1.32 2.30
CG2 28J A 12 -9.78 -1.29 2.68
CG1 28J A 12 -7.37 -1.11 3.53
CD1 28J A 12 -7.68 -2.07 4.70
C 28J A 12 -8.39 -3.88 2.29
O 28J A 12 -7.66 -4.48 3.07
H 28J A 12 -5.91 -3.42 1.67
HA 28J A 12 -8.49 -2.62 0.60
H22 28J A 12 -8.09 -0.45 1.61
H23 28J A 12 -10.43 -1.28 1.79
H24 28J A 12 -10.06 -2.19 3.27
H25 28J A 12 -10.02 -0.40 3.30
H26 28J A 12 -6.31 -1.24 3.24
H27 28J A 12 -7.49 -0.07 3.91
H28 28J A 12 -8.57 -2.71 4.48
H29 28J A 12 -6.83 -2.76 4.89
H30 28J A 12 -7.88 -1.50 5.64
N ALA A 13 -9.64 -4.25 2.02
CA ALA A 13 -10.24 -5.43 2.64
C ALA A 13 -9.42 -6.68 2.32
N 4N3 A 1 9.84 -5.75 2.19
CA 4N3 A 1 8.63 -5.01 1.88
CB 4N3 A 1 7.39 -5.63 2.55
CG1 4N3 A 1 6.12 -5.14 1.87
CG2 4N3 A 1 7.37 -5.31 4.03
C 4N3 A 1 8.40 -4.93 0.37
O 4N3 A 1 8.60 -5.83 -0.40
CO1 4N3 A 1 11.00 -5.15 2.40
O2 4N3 A 1 11.84 -4.98 1.53
CD 4N3 A 1 11.26 -4.67 3.85
CE 4N3 A 1 10.80 -3.20 3.98
CF 4N3 A 1 11.53 -2.34 2.93
CH 4N3 A 1 11.27 -0.85 3.23
CI 4N3 A 1 12.28 -0.36 4.29
CJ 4N3 A 1 13.62 -0.03 3.61
CK 4N3 A 1 14.55 0.69 4.61
H1 4N3 A 1 9.79 -6.74 2.24
HA 4N3 A 1 8.75 -4.00 2.26
HB 4N3 A 1 7.44 -6.70 2.43
HG13 4N3 A 1 6.15 -4.06 1.77
HG11 4N3 A 1 5.26 -5.40 2.48
HG12 4N3 A 1 6.03 -5.59 0.90
HG22 4N3 A 1 8.18 -5.83 4.53
HG23 4N3 A 1 6.43 -5.63 4.46
HG21 4N3 A 1 7.49 -4.24 4.17
HD2 4N3 A 1 10.70 -5.29 4.55
HD1 4N3 A 1 12.32 -4.74 4.07
HE1 4N3 A 1 9.73 -3.14 3.82
HE2 4N3 A 1 11.04 -2.84 4.99
HF2 4N3 A 1 11.15 -2.58 1.94
HF1 4N3 A 1 12.60 -2.54 2.98
HH1 4N3 A 1 10.26 -0.73 3.60
HH2 4N3 A 1 11.39 -0.27 2.31
HI1 4N3 A 1 11.89 0.54 4.78
HI2 4N3 A 1 12.43 -1.14 5.03
HJ1 4N3 A 1 13.43 0.62 2.75
HJ2 4N3 A 1 14.09 -0.95 3.27
HK3 4N3 A 1 15.17 -0.05 5.10
HK2 4N3 A 1 13.94 1.21 5.36
HK1 4N3 A 1 15.17 1.40 4.08
N 4FO A 2 7.92 -3.75 -0.11
CA 4FO A 2 7.53 -3.52 -1.51
C 4FO A 2 6.24 -2.72 -1.59
O 4FO A 2 5.25 -3.20 -2.15
CB 4FO A 2 8.67 -2.81 -2.28
CG 4FO A 2 9.38 -1.60 -1.60
NZ 4FO A 2 10.75 -1.31 -2.19
H2 4FO A 2 7.76 -3.03 0.59
HA 4FO A 2 7.33 -4.49 -2.01
HB2 4FO A 2 9.44 -3.55 -2.58
HB3 4FO A 2 8.22 -2.43 -3.24
HG3 4FO A 2 9.46 -1.74 -0.50
HG2 4FO A 2 8.77 -0.68 -1.78
HZ3 4FO A 2 10.73 -1.41 -3.23
HZ2 4FO A 2 11.09 -0.38 -1.89
HZ1 4FO A 2 11.41 -2.04 -1.83
N GLY A 3 6.25 -1.50 -1.06
CA GLY A 3 5.07 -0.66 -1.10
C GLY A 3 5.38 0.79 -0.84
N DSN A 4 6.30 1.04 0.10
CA DSN A 4 6.69 2.40 0.45
C DSN A 4 5.93 2.87 1.70
O DSN A 4 5.97 4.05 2.04
CB DSN A 4 8.19 2.47 0.70
OG DSN A 4 8.66 1.33 1.39
H DSN A 4 6.73 0.28 0.55
HA DSN A 4 6.43 3.04 -0.38
HB2 DSN A 4 8.42 3.35 1.28
HB3 DSN A 4 8.71 2.53 -0.26
HG DSN A 4 8.43 1.41 2.32
N DTR A 5 5.26 1.94 2.35
CA DTR A 5 4.49 2.26 3.56
CB DTR A 5 4.91 1.35 4.71
CG DTR A 5 4.04 0.14 4.87
CD1 DTR A 5 3.75 -0.79 3.92
NE1 DTR A 5 2.92 -1.75 4.43
CE2 DTR A 5 2.65 -1.45 5.73
CZ2 DTR A 5 1.85 -2.11 6.66
CH2 DTR A 5 1.75 -1.57 7.91
CZ3 DTR A 5 2.43 -0.40 8.26
CE3 DTR A 5 3.22 0.26 7.34
CD2 DTR A 5 3.34 -0.27 6.05
C DTR A 5 3.00 2.12 3.31
O DTR A 5 2.58 1.75 2.21
H DTR A 5 5.26 1.01 2.03
HA DTR A 5 4.71 3.28 3.83
HB2 DTR A 5 4.88 1.90 5.63
HB3 DTR A 5 5.92 1.01 4.54
HD1 DTR A 5 4.14 -0.77 2.91
HE1 DTR A 5 2.57 -2.52 3.94
HZ2 DTR A 5 1.32 -3.03 6.42
HH2 DTR A 5 1.15 -2.05 8.68
HZ3 DTR A 5 2.33 0.00 9.25
HE3 DTR A 5 3.74 1.18 7.61
N SER A 6 2.20 2.42 4.33
CA SER A 6 0.75 2.32 4.22
C SER A 6 0.14 3.68 3.87
N DAB A 7 -0.42 3.78 2.63
CA DAB A 7 -1.15 4.95 2.15
C DAB A 7 -2.44 4.55 1.43
O DAB A 7 -3.06 5.27 0.70
CB DAB A 7 -0.26 5.81 1.20
CG DAB A 7 1.17 6.17 1.68
ND DAB A 7 2.06 6.69 0.56
H DAB A 7 -0.39 2.93 2.06
HA DAB A 7 -1.45 5.60 3.01
HB2 DAB A 7 -0.80 6.74 0.93
HB3 DAB A 7 -0.16 5.23 0.26
HG2 DAB A 7 1.67 5.25 2.06
HG3 DAB A 7 1.15 6.91 2.51
HD1 DAB A 7 2.07 7.73 0.57
HD2 DAB A 7 3.03 6.35 0.73
HZ1 DAB A 7 1.73 6.31 -0.36
N 4FO A 8 -2.90 3.30 1.66
CA 4FO A 8 -4.06 2.71 0.97
C 4FO A 8 -3.84 2.68 -0.54
O 4FO A 8 -4.41 3.48 -1.26
CB 4FO A 8 -4.35 1.28 1.51
CG 4FO A 8 -4.76 1.12 3.00
NZ 4FO A 8 -5.76 2.16 3.44
H2 4FO A 8 -2.35 2.72 2.29
HA 4FO A 8 -4.97 3.33 1.15
HB2 4FO A 8 -5.13 0.80 0.86
HB3 4FO A 8 -3.41 0.68 1.35
HG3 4FO A 8 -3.87 1.14 3.66
HG2 4FO A 8 -5.25 0.13 3.11
HZ3 4FO A 8 -6.73 1.77 3.44
HZ2 4FO A 8 -5.50 2.54 4.38
HZ1 4FO A 8 -5.75 2.94 2.75
N PHE A 9 -3.03 1.74 -1.02
CA PHE A 9 -2.76 1.61 -2.44
C PHE A 9 -3.03 0.19 -2.92
N GLU A 10 -2.69 -0.80 -2.09
CA GLU A 10 -2.90 -2.19 -2.42
C GLU A 10 -3.37 -2.99 -1.20
N VAL A 11 -2.52 -3.04 -0.18
CA VAL A 11 -2.84 -3.76 1.04
C VAL A 11 -4.04 -3.13 1.75
N 28J A 12 -4.81 -3.98 2.48
CA 28J A 12 -6.05 -3.58 3.14
CB 28J A 12 -5.80 -3.24 4.63
CG2 28J A 12 -5.71 -4.52 5.48
CG1 28J A 12 -4.55 -2.36 4.79
CD1 28J A 12 -4.43 -1.68 6.17
C 28J A 12 -7.16 -4.61 2.94
O 28J A 12 -7.04 -5.53 2.13
H 28J A 12 -4.52 -4.95 2.50
HA 28J A 12 -6.44 -2.65 2.65
H22 28J A 12 -6.68 -2.65 5.01
H23 28J A 12 -5.72 -4.29 6.57
H24 28J A 12 -6.57 -5.20 5.30
H25 28J A 12 -4.78 -5.09 5.26
H26 28J A 12 -3.63 -2.96 4.59
H27 28J A 12 -4.58 -1.54 4.02
H28 28J A 12 -3.93 -0.69 6.10
H29 28J A 12 -5.43 -1.50 6.61
H30 28J A 12 -3.85 -2.32 6.88
N ALA A 13 -8.24 -4.45 3.70
CA ALA A 13 -9.38 -5.35 3.62
C ALA A 13 -10.67 -4.59 3.38
N 4N3 A 1 8.18 -3.84 4.71
CA 4N3 A 1 7.55 -2.98 3.70
CB 4N3 A 1 6.09 -2.67 4.06
CG1 4N3 A 1 5.27 -3.95 4.14
CG2 4N3 A 1 5.49 -1.71 3.06
C 4N3 A 1 7.60 -3.63 2.32
O 4N3 A 1 7.26 -4.75 2.07
CO1 4N3 A 1 9.20 -3.42 5.45
O2 4N3 A 1 10.36 -3.42 5.04
CD 4N3 A 1 8.86 -2.94 6.87
CE 4N3 A 1 8.59 -4.15 7.78
CF 4N3 A 1 9.91 -4.90 8.05
CH 4N3 A 1 10.65 -4.24 9.21
CI 4N3 A 1 11.49 -5.29 9.96
CJ 4N3 A 1 12.72 -5.66 9.09
CK 4N3 A 1 13.13 -7.11 9.37
H1 4N3 A 1 7.83 -4.75 4.84
HA 4N3 A 1 8.11 -2.05 3.68
HB 4N3 A 1 6.07 -2.20 5.04
HG13 4N3 A 1 5.01 -4.27 3.14
HG11 4N3 A 1 4.38 -3.77 4.71
HG12 4N3 A 1 5.87 -4.72 4.61
HG22 4N3 A 1 4.85 -0.99 3.57
HG23 4N3 A 1 4.90 -2.25 2.33
HG21 4N3 A 1 6.28 -1.17 2.56
HD2 4N3 A 1 9.70 -2.37 7.26
HD1 4N3 A 1 7.97 -2.30 6.84
HE1 4N3 A 1 8.17 -3.82 8.72
HE2 4N3 A 1 7.88 -4.82 7.28
HF2 4N3 A 1 10.53 -4.87 7.15
HF1 4N3 A 1 9.70 -5.94 8.29
HH1 4N3 A 1 9.93 -3.81 9.91
HH2 4N3 A 1 11.30 -3.44 8.84
HI1 4N3 A 1 11.84 -4.88 10.90
HI2 4N3 A 1 10.90 -6.18 10.13
HJ1 4N3 A 1 13.55 -4.99 9.33
HJ2 4N3 A 1 12.46 -5.56 8.03
HK3 4N3 A 1 13.30 -7.24 10.45
HK2 4N3 A 1 14.04 -7.36 8.83
HK1 4N3 A 1 12.33 -7.78 9.06
N 4FO A 2 8.08 -2.84 1.32
CA 4FO A 2 8.10 -3.24 -0.10
C 4FO A 2 6.83 -2.79 -0.82
O 4FO A 2 6.50 -3.32 -1.87
CB 4FO A 2 9.35 -2.68 -0.81
CG 4FO A 2 9.62 -1.15 -0.74
NZ 4FO A 2 11.01 -0.77 -1.21
H2 4FO A 2 8.35 -1.90 1.58
HA 4FO A 2 8.12 -4.35 -0.18
HB2 4FO A 2 10.26 -3.21 -0.43
HB3 4FO A 2 9.26 -2.95 -1.89
HG3 4FO A 2 9.45 -0.75 0.28
HG2 4FO A 2 8.90 -0.63 -1.43
HZ3 4FO A 2 11.25 -1.27 -2.10
HZ2 4FO A 2 11.10 0.27 -1.32
HZ1 4FO A 2 11.69 -1.08 -0.48
N GLY A 3 6.14 -1.80 -0.26
CA GLY A 3 4.93 -1.30 -0.87
C GLY A 3 5.13 0.05 -1.54
N DSN A 4 5.66 1.00 -0.78
CA DSN A 4 5.91 2.34 -1.31
C DSN A 4 5.01 3.37 -0.62
O DSN A 4 4.55 4.33 -1.25
CB DSN A 4 7.37 2.73 -1.11
OG DSN A 4 7.76 2.61 0.25
H DSN A 4 5.89 0.80 0.15
HA DSN A 4 5.68 2.33 -2.36
HB2 DSN A 4 7.52 3.74 -1.44
HB3 DSN A 4 7.99 2.07 -1.70
HG DSN A 4 7.08 3.01 0.80
N DTR A 5 4.76 3.16 0.66
CA DTR A 5 3.92 4.07 1.44
CB DTR A 5 3.99 3.73 2.93
CG DTR A 5 2.96 2.73 3.36
CD1 DTR A 5 2.71 1.51 2.80
NE1 DTR A 5 1.68 0.89 3.46
CE2 DTR A 5 1.25 1.69 4.47
CZ2 DTR A 5 0.25 1.50 5.42
CH2 DTR A 5 0.03 2.50 6.33
CZ3 DTR A 5 0.78 3.67 6.32
CE3 DTR A 5 1.78 3.87 5.39
CD2 DTR A 5 2.03 2.87 4.44
C DTR A 5 2.48 4.01 0.96
O DTR A 5 2.15 3.29 0.01
H DTR A 5 5.16 2.39 1.12
HA DTR A 5 4.29 5.07 1.29
HB2 DTR A 5 3.85 4.63 3.51
HB3 DTR A 5 4.97 3.31 3.15
HD1 DTR A 5 3.25 1.11 1.95
HE1 DTR A 5 1.33 0.00 3.25
HZ2 DTR A 5 -0.34 0.60 5.44
HH2 DTR A 5 -0.74 2.39 7.08
HZ3 DTR A 5 0.58 4.44 7.06
HE3 DTR A 5 2.36 4.79 5.40
N SER A 6 1.60 4.77 1.62
CA SER A 6 0.19 4.79 1.26
C SER A 6 -0.07 5.79 0.13
N DAB A 7 -0.17 5.26 -1.11
CA DAB A 7 -0.52 6.04 -2.31
C DAB A 7 -1.87 5.62 -2.86
O DAB A 7 -2.64 6.37 -3.42
CB DAB A 7 0.58 5.90 -3.40
CG DAB A 7 1.84 6.80 -3.30
ND DAB A 7 1.55 8.25 -3.63
H DAB A 7 -0.06 4.25 -1.18
HA DAB A 7 -0.61 7.13 -2.05
HB2 DAB A 7 0.11 6.04 -4.41
HB3 DAB A 7 0.92 4.83 -3.37
HG2 DAB A 7 2.58 6.45 -4.06
HG3 DAB A 7 2.31 6.72 -2.30
HD1 DAB A 7 2.03 8.52 -4.52
HD2 DAB A 7 0.52 8.35 -3.78
HZ1 DAB A 7 1.83 8.87 -2.84
N 4FO A 8 -2.23 4.32 -2.72
CA 4FO A 8 -3.44 3.72 -3.29
C 4FO A 8 -3.12 2.44 -4.04
O 4FO A 8 -3.23 2.41 -5.27
CB 4FO A 8 -4.50 3.45 -2.18
CG 4FO A 8 -5.09 4.65 -1.41
NZ 4FO A 8 -6.31 5.23 -2.08
H2 4FO A 8 -1.55 3.72 -2.24
HA 4FO A 8 -3.90 4.42 -4.03
HB2 4FO A 8 -5.33 2.85 -2.61
HB3 4FO A 8 -4.00 2.78 -1.42
HG3 4FO A 8 -4.33 5.45 -1.25
HG2 4FO A 8 -5.42 4.30 -0.40
HZ3 4FO A 8 -6.05 6.06 -2.66
HZ2 4FO A 8 -6.81 4.50 -2.64
HZ1 4FO A 8 -6.97 5.56 -1.34
N PHE A 9 -2.74 1.39 -3.33
CA PHE A 9 -2.41 0.11 -3.94
C PHE A 9 -3.25 -1.02 -3.34
N GLU A 10 -4.48 -0.69 -2.97
CA GLU A 10 -5.38 -1.67 -2.37
C GLU A 10 -4.83 -2.18 -1.05
N VAL A 11 -4.70 -1.27 -0.08
CA VAL A 11 -4.18 -1.63 1.24
C VAL A 11 -5.18 -2.49 1.99
N 28J A 12 -4.66 -3.58 2.64
CA 28J A 12 -5.47 -4.59 3.31
CB 28J A 12 -6.10 -5.57 2.30
CG2 28J A 12 -7.33 -4.94 1.62
CG1 28J A 12 -5.05 -6.05 1.27
CD1 28J A 12 -5.46 -7.31 0.52
C 28J A 12 -6.49 -3.95 4.26
O 28J A 12 -6.42 -2.76 4.57
H 28J A 12 -3.65 -3.70 2.55
HA 28J A 12 -4.81 -5.19 4.00
H22 28J A 12 -6.46 -6.47 2.86
H23 28J A 12 -7.93 -5.69 1.07
H24 28J A 12 -8.01 -4.46 2.37
H25 28J A 12 -7.02 -4.15 0.90
H26 28J A 12 -4.85 -5.23 0.54
H27 28J A 12 -4.10 -6.25 1.80
H28 28J A 12 -5.47 -7.15 -0.59
H29 28J A 12 -4.74 -8.14 0.72
H30 28J A 12 -6.47 -7.67 0.83
N ALA A 13 -7.44 -4.77 4.70
CA ALA A 13 -8.49 -4.30 5.60
C ALA A 13 -8.49 -5.09 6.91
N 4N3 A 1 7.29 -3.00 4.46
CA 4N3 A 1 6.19 -2.26 3.86
CB 4N3 A 1 4.86 -3.01 3.99
CG1 4N3 A 1 4.95 -4.37 3.31
CG2 4N3 A 1 3.71 -2.19 3.42
C 4N3 A 1 6.46 -1.97 2.38
O 4N3 A 1 6.78 -2.80 1.56
CO1 4N3 A 1 7.67 -2.80 5.71
O2 4N3 A 1 7.28 -3.52 6.64
CD 4N3 A 1 8.61 -1.62 5.98
CE 4N3 A 1 9.69 -2.03 6.98
CF 4N3 A 1 10.50 -0.79 7.41
CH 4N3 A 1 11.49 -0.41 6.30
CI 4N3 A 1 12.06 0.99 6.56
CJ 4N3 A 1 12.97 0.95 7.81
CK 4N3 A 1 13.57 2.35 8.04
H1 4N3 A 1 7.77 -3.67 3.91
HA 4N3 A 1 6.10 -1.31 4.38
HB 4N3 A 1 4.66 -3.18 5.04
HG13 4N3 A 1 4.48 -4.31 2.33
HG11 4N3 A 1 4.43 -5.11 3.90
HG12 4N3 A 1 5.98 -4.65 3.20
HG22 4N3 A 1 2.86 -2.25 4.07
HG23 4N3 A 1 3.44 -2.58 2.44
HG21 4N3 A 1 4.02 -1.15 3.32
HD2 4N3 A 1 9.08 -1.32 5.03
HD1 4N3 A 1 8.03 -0.78 6.38
HE1 4N3 A 1 9.23 -2.48 7.86
HE2 4N3 A 1 10.35 -2.76 6.52
HF2 4N3 A 1 11.04 -1.01 8.33
HF1 4N3 A 1 9.82 0.04 7.58
HH1 4N3 A 1 10.98 -0.43 5.33
HH2 4N3 A 1 12.31 -1.14 6.28
HI1 4N3 A 1 12.64 1.32 5.70
HI2 4N3 A 1 11.24 1.68 6.73
HJ1 4N3 A 1 13.76 0.22 7.64
HJ2 4N3 A 1 12.39 0.66 8.67
HK3 4N3 A 1 12.81 3.11 7.86
HK2 4N3 A 1 14.42 2.49 7.37
HK1 4N3 A 1 13.93 2.43 9.07
N 4FO A 2 6.31 -0.68 1.99
CA 4FO A 2 6.41 -0.23 0.59
C 4FO A 2 5.40 0.87 0.29
O 4FO A 2 4.72 0.82 -0.74
CB 4FO A 2 7.85 0.28 0.28
CG 4FO A 2 8.40 1.49 1.08
NZ 4FO A 2 9.75 1.96 0.58
H2 4FO A 2 6.04 -0.01 2.71
HA 4FO A 2 6.19 -1.07 -0.11
HB2 4FO A 2 8.56 -0.57 0.38
HB3 4FO A 2 7.87 0.57 -0.80
HG3 4FO A 2 8.46 1.26 2.17
HG2 4FO A 2 7.70 2.34 0.96
HZ3 4FO A 2 9.65 2.78 -0.05
HZ2 4FO A 2 10.39 2.17 1.39
HZ1 4FO A 2 10.18 1.18 0.03
N GLY A 3 5.30 1.86 1.16
CA GLY A 3 4.36 2.95 0.95
C GLY A 3 4.71 3.78 -0.26
N DSN A 4 5.17 5.01 -0.02
CA DSN A 4 5.54 5.91 -1.11
C DSN A 4 4.30 6.45 -1.81
O DSN A 4 4.36 6.81 -2.99
CB DSN A 4 6.38 7.07 -0.56
OG DSN A 4 7.67 6.64 -0.15
H DSN A 4 5.26 5.31 0.91
HA DSN A 4 6.14 5.36 -1.81
HB2 DSN A 4 5.87 7.51 0.29
HB3 DSN A 4 6.50 7.82 -1.33
HG DSN A 4 8.12 6.25 -0.90
N DTR A 5 3.20 6.50 -1.09
CA DTR A 5 1.94 7.00 -1.66
CB DTR A 5 1.48 8.25 -0.90
CG DTR A 5 0.47 7.94 0.17
CD1 DTR A 5 0.62 7.10 1.23
NE1 DTR A 5 -0.51 7.09 2.00
CE2 DTR A 5 -1.44 7.94 1.44
CZ2 DTR A 5 -2.73 8.25 1.84
CH2 DTR A 5 -3.43 9.14 1.08
CZ3 DTR A 5 -2.88 9.72 -0.08
CE3 DTR A 5 -1.59 9.39 -0.48
CD2 DTR A 5 -0.85 8.49 0.28
C DTR A 5 0.86 5.92 -1.60
O DTR A 5 1.09 4.83 -1.09
H DTR A 5 3.21 6.21 -0.16
HA DTR A 5 2.12 7.26 -2.69
HB2 DTR A 5 1.02 8.94 -1.60
HB3 DTR A 5 2.33 8.71 -0.44
HD1 DTR A 5 1.53 6.54 1.43
HE1 DTR A 5 -0.65 6.57 2.82
HZ2 DTR A 5 -3.17 7.83 2.73
HH2 DTR A 5 -4.44 9.41 1.36
HZ3 DTR A 5 -3.47 10.40 -0.65
HE3 DTR A 5 -1.18 9.84 -1.38
N SER A 6 -0.31 6.24 -2.15
CA SER A 6 -1.42 5.30 -2.15
C SER A 6 -1.49 4.56 -3.49
N DAB A 7 -0.67 3.48 -3.61
CA DAB A 7 -0.68 2.57 -4.77
C DAB A 7 -1.20 1.19 -4.39
O DAB A 7 -1.12 0.22 -5.10
CB DAB A 7 0.75 2.45 -5.38
CG DAB A 7 1.44 3.75 -5.90
ND DAB A 7 2.48 3.46 -6.97
H DAB A 7 -0.09 3.28 -2.81
HA DAB A 7 -1.35 2.97 -5.57
HB2 DAB A 7 0.75 1.70 -6.19
HB3 DAB A 7 1.41 2.04 -4.57
HG2 DAB A 7 1.97 4.23 -5.06
HG3 DAB A 7 0.69 4.47 -6.29
HD1 DAB A 7 2.26 3.98 -7.85
HD2 DAB A 7 3.40 3.81 -6.62
HZ1 DAB A 7 2.56 2.44 -7.14
N 4FO A 8 -1.79 1.07 -3.18
CA 4FO A 8 -2.25 -0.20 -2.61
C 4FO A 8 -1.11 -0.95 -1.94
O 4FO A 8 -0.56 -1.90 -2.52
CB 4FO A 8 -3.40 0.04 -1.59
CG 4FO A 8 -4.82 0.31 -2.14
NZ 4FO A 8 -5.39 -0.84 -2.93
H2 4FO A 8 -1.83 1.92 -2.61
HA 4FO A 8 -2.64 -0.87 -3.41
HB2 4FO A 8 -3.45 -0.83 -0.88
HB3 4FO A 8 -3.10 0.92 -0.97
HG3 4FO A 8 -4.84 1.24 -2.76
HG2 4FO A 8 -5.51 0.47 -1.26
HZ3 4FO A 8 -4.94 -1.75 -2.62
HZ2 4FO A 8 -6.43 -0.88 -2.84
HZ1 4FO A 8 -5.15 -0.70 -3.93
N PHE A 9 -0.73 -0.54 -0.73
CA PHE A 9 0.35 -1.19 0.00
C PHE A 9 -0.12 -1.66 1.36
N GLU A 10 -0.97 -0.86 1.99
CA GLU A 10 -1.50 -1.19 3.31
C GLU A 10 -3.02 -1.34 3.28
N VAL A 11 -3.70 -0.24 2.96
CA VAL A 11 -5.16 -0.24 2.89
C VAL A 11 -5.66 -1.29 1.90
N 28J A 12 -6.37 -2.32 2.42
CA 28J A 12 -6.82 -3.48 1.63
CB 28J A 12 -8.10 -3.13 0.85
CG2 28J A 12 -8.41 -4.20 -0.23
CG1 28J A 12 -9.30 -2.92 1.80
CD1 28J A 12 -9.32 -1.54 2.48
C 28J A 12 -6.98 -4.73 2.49
O 28J A 12 -7.24 -4.65 3.70
H 28J A 12 -6.49 -2.31 3.43
HA 28J A 12 -6.03 -3.75 0.89
H22 28J A 12 -7.93 -2.15 0.31
H23 28J A 12 -8.54 -5.20 0.23
H24 28J A 12 -9.35 -3.97 -0.78
H25 28J A 12 -7.59 -4.26 -0.98
H26 28J A 12 -10.25 -3.08 1.26
H27 28J A 12 -9.25 -3.69 2.60
H28 28J A 12 -8.69 -1.52 3.39
H29 28J A 12 -8.94 -0.75 1.78
H30 28J A 12 -10.36 -1.25 2.77
N ALA A 13 -6.81 -5.88 1.86
CA ALA A 13 -6.93 -7.16 2.56
C ALA A 13 -5.74 -7.39 3.47
N 4N3 A 1 7.44 -3.47 5.31
CA 4N3 A 1 7.09 -2.31 4.51
CB 4N3 A 1 5.59 -1.96 4.66
CG1 4N3 A 1 4.73 -3.06 4.06
CG2 4N3 A 1 5.29 -0.61 4.01
C 4N3 A 1 7.40 -2.52 3.03
O 4N3 A 1 7.29 -3.58 2.44
CO1 4N3 A 1 8.59 -4.13 5.11
O2 4N3 A 1 8.64 -5.27 4.69
CD 4N3 A 1 9.88 -3.35 5.46
CE 4N3 A 1 10.77 -4.23 6.36
CF 4N3 A 1 11.57 -5.22 5.50
CH 4N3 A 1 12.24 -6.27 6.41
CI 4N3 A 1 13.41 -5.61 7.16
CJ 4N3 A 1 14.70 -5.79 6.34
CK 4N3 A 1 14.89 -4.58 5.41
H1 4N3 A 1 6.82 -3.79 5.99
HA 4N3 A 1 7.66 -1.47 4.87
HB 4N3 A 1 5.37 -1.89 5.71
HG13 4N3 A 1 3.81 -3.14 4.62
HG11 4N3 A 1 5.26 -4.00 4.10
HG12 4N3 A 1 4.50 -2.82 3.03
HG22 4N3 A 1 4.65 -0.04 4.66
HG23 4N3 A 1 4.79 -0.78 3.07
HG21 4N3 A 1 6.21 -0.08 3.84
HD2 4N3 A 1 10.41 -3.12 4.53
HD1 4N3 A 1 9.62 -2.43 5.97
HE1 4N3 A 1 11.45 -3.58 6.91
HE2 4N3 A 1 10.14 -4.77 7.06
HF2 4N3 A 1 12.33 -4.68 4.94
HF1 4N3 A 1 10.89 -5.72 4.80
HH1 4N3 A 1 12.60 -7.08 5.79
HH2 4N3 A 1 11.51 -6.64 7.12
HI1 4N3 A 1 13.21 -4.55 7.29
HI2 4N3 A 1 13.53 -6.09 8.13
HJ1 4N3 A 1 14.64 -6.70 5.75
HJ2 4N3 A 1 15.56 -5.86 7.01
HK3 4N3 A 1 14.38 -3.71 5.83
HK2 4N3 A 1 14.46 -4.81 4.43
HK1 4N3 A 1 15.96 -4.36 5.29
N 4FO A 2 7.84 -1.44 2.34
CA 4FO A 2 8.09 -1.42 0.89
C 4FO A 2 6.83 -1.07 0.12
O 4FO A 2 6.52 -1.69 -0.90
CB 4FO A 2 9.24 -0.45 0.53
CG 4FO A 2 9.27 0.93 1.24
NZ 4FO A 2 10.03 0.91 2.56
H2 4FO A 2 7.92 -0.58 2.88
HA 4FO A 2 8.38 -2.45 0.54
HB2 4FO A 2 10.22 -0.96 0.71
HB3 4FO A 2 9.17 -0.27 -0.56
HG3 4FO A 2 8.24 1.33 1.41
HG2 4FO A 2 9.81 1.66 0.58
HZ3 4FO A 2 10.70 1.71 2.61
HZ2 4FO A 2 9.37 0.90 3.36
HZ1 4FO A 2 10.59 0.02 2.59
N GLY A 3 6.11 -0.05 0.58
CA GLY A 3 4.89 0.37 -0.09
C GLY A 3 5.07 1.68 -0.83
N DSN A 4 5.25 2.77 -0.09
CA DSN A 4 5.43 4.08 -0.68
C DSN A 4 4.27 5.00 -0.32
O DSN A 4 3.92 5.91 -1.08
CB DSN A 4 6.75 4.71 -0.21
OG DSN A 4 7.83 3.82 -0.42
H DSN A 4 5.25 2.68 0.89
HA DSN A 4 5.46 3.96 -1.75
HB2 DSN A 4 6.68 4.92 0.85
HB3 DSN A 4 6.92 5.62 -0.75
HG DSN A 4 8.52 3.99 0.21
N DTR A 5 3.67 4.77 0.84
CA DTR A 5 2.54 5.58 1.29
CB DTR A 5 2.51 5.63 2.82
CG DTR A 5 1.74 4.50 3.44
CD1 DTR A 5 1.89 3.17 3.18
NE1 DTR A 5 1.01 2.45 3.94
CE2 DTR A 5 0.27 3.31 4.71
CZ2 DTR A 5 -0.74 3.05 5.64
CH2 DTR A 5 -1.31 4.11 6.27
CZ3 DTR A 5 -0.90 5.42 6.00
CE3 DTR A 5 0.10 5.68 5.09
CD2 DTR A 5 0.71 4.61 4.43
C DTR A 5 1.23 5.02 0.77
O DTR A 5 1.21 4.07 0.00
H DTR A 5 3.99 4.03 1.40
HA DTR A 5 2.68 6.58 0.91
HB2 DTR A 5 2.06 6.56 3.14
HB3 DTR A 5 3.53 5.59 3.19
HD1 DTR A 5 2.59 2.77 2.48
HE1 DTR A 5 0.92 1.47 3.93
HZ2 DTR A 5 -1.07 2.04 5.86
HH2 DTR A 5 -2.10 3.96 7.00
HZ3 DTR A 5 -1.37 6.24 6.53
HE3 DTR A 5 0.41 6.70 4.90
N SER A 6 0.12 5.64 1.18
CA SER A 6 -1.20 5.21 0.75
C SER A 6 -1.53 5.73 -0.65
N DAB A 7 -1.60 4.79 -1.63
CA DAB A 7 -2.00 5.08 -3.02
C DAB A 7 -3.06 4.10 -3.50
O DAB A 7 -3.42 4.00 -4.64
CB DAB A 7 -0.76 5.05 -3.96
CG DAB A 7 0.55 5.72 -3.48
ND DAB A 7 1.45 6.11 -4.64
H DAB A 7 -1.44 3.83 -1.34
HA DAB A 7 -2.45 6.10 -3.08
HB2 DAB A 7 -1.05 5.47 -4.95
HB3 DAB A 7 -0.54 3.96 -4.15
HG2 DAB A 7 1.12 4.98 -2.88
HG3 DAB A 7 0.35 6.60 -2.84
HD1 DAB A 7 1.65 7.14 -4.61
HD2 DAB A 7 2.37 5.62 -4.51
HZ1 DAB A 7 1.04 5.82 -5.54
N 4FO A 8 -3.63 3.29 -2.56
CA 4FO A 8 -4.59 2.21 -2.87
C 4FO A 8 -3.90 1.08 -3.61
O 4FO A 8 -4.15 0.87 -4.79
CB 4FO A 8 -5.26 1.70 -1.57
CG 4FO A 8 -5.88 2.73 -0.60
NZ 4FO A 8 -4.85 3.41 0.28
H2 4FO A 8 -3.29 3.41 -1.60
HA 4FO A 8 -5.39 2.59 -3.54
HB2 4FO A 8 -6.03 0.94 -1.84
HB3 4FO A 8 -4.47 1.14 -1.00
HG3 4FO A 8 -6.67 2.26 0.03
HG2 4FO A 8 -6.36 3.53 -1.20
HZ3 4FO A 8 -4.45 4.23 -0.21
HZ2 4FO A 8 -5.26 3.67 1.20
HZ1 4FO A 8 -4.07 2.73 0.45
N PHE A 9 -3.05 0.32 -2.91
CA PHE A 9 -2.35 -0.80 -3.52
C PHE A 9 -2.49 -2.05 -2.65
N GLU A 10 -2.45 -1.87 -1.34
CA GLU A 10 -2.57 -2.99 -0.41
C GLU A 10 -3.31 -2.56 0.86
N VAL A 11 -4.62 -2.51 0.78
CA VAL A 11 -5.44 -2.12 1.92
C VAL A 11 -6.57 -3.12 2.16
N 28J A 12 -6.23 -4.44 2.16
CA 28J A 12 -7.19 -5.53 2.26
CB 28J A 12 -7.90 -5.77 0.90
CG2 28J A 12 -9.00 -4.72 0.67
CG1 28J A 12 -6.88 -5.80 -0.24
CD1 28J A 12 -7.45 -6.26 -1.59
C 28J A 12 -8.17 -5.32 3.42
O 28J A 12 -7.97 -4.46 4.28
H 28J A 12 -5.24 -4.63 2.00
HA 28J A 12 -6.66 -6.48 2.53
H22 28J A 12 -8.39 -6.78 0.94
H23 28J A 12 -9.63 -4.57 1.57
H24 28J A 12 -8.57 -3.72 0.41
H25 28J A 12 -9.67 -5.03 -0.17
H26 28J A 12 -6.41 -4.79 -0.37
H27 28J A 12 -6.04 -6.50 0.03
H28 28J A 12 -8.23 -7.04 -1.46
H29 28J A 12 -7.93 -5.41 -2.13
H30 28J A 12 -6.66 -6.67 -2.26
N ALA A 13 -9.23 -6.11 3.42
CA ALA A 13 -10.25 -6.04 4.45
C ALA A 13 -9.64 -6.22 5.84
N 4N3 A 1 6.00 -2.81 6.84
CA 4N3 A 1 6.02 -1.70 5.91
CB 4N3 A 1 4.70 -0.92 5.93
CG1 4N3 A 1 3.55 -1.80 5.45
CG2 4N3 A 1 4.81 0.34 5.10
C 4N3 A 1 6.29 -2.19 4.49
O 4N3 A 1 5.68 -3.06 3.92
CO1 4N3 A 1 7.07 -3.15 7.58
O2 4N3 A 1 7.96 -3.87 7.16
CD 4N3 A 1 7.13 -2.55 9.00
CE 4N3 A 1 8.43 -1.74 9.16
CF 4N3 A 1 8.55 -1.24 10.61
CH 4N3 A 1 9.53 -0.06 10.67
CI 4N3 A 1 8.80 1.23 10.28
CJ 4N3 A 1 9.83 2.27 9.78
CK 4N3 A 1 9.10 3.35 8.95
H1 4N3 A 1 5.18 -3.35 6.94
HA 4N3 A 1 6.82 -1.03 6.21
HB 4N3 A 1 4.49 -0.63 6.95
HG13 4N3 A 1 3.59 -1.87 4.37
HG11 4N3 A 1 2.61 -1.35 5.74
HG12 4N3 A 1 3.64 -2.78 5.89
HG22 4N3 A 1 4.14 1.10 5.48
HG23 4N3 A 1 4.55 0.12 4.08
HG21 4N3 A 1 5.83 0.71 5.13
HD2 4N3 A 1 6.27 -1.89 9.15
HD1 4N3 A 1 7.11 -3.36 9.73
HE1 4N3 A 1 9.29 -2.37 8.92
HE2 4N3 A 1 8.42 -0.88 8.48
HF2 4N3 A 1 8.91 -2.05 11.25
HF1 4N3 A 1 7.57 -0.92 10.97
HH1 4N3 A 1 10.36 -0.24 9.97
HH2 4N3 A 1 9.92 0.03 11.68
HI1 4N3 A 1 8.08 1.03 9.49
HI2 4N3 A 1 8.28 1.64 11.15
HJ1 4N3 A 1 10.57 1.78 9.16
HJ2 4N3 A 1 10.32 2.74 10.63
HK3 4N3 A 1 8.06 3.07 8.81
HK2 4N3 A 1 9.58 3.44 7.98
HK1 4N3 A 1 9.16 4.31 9.47
N 4FO A 2 7.30 -1.56 3.82
CA 4FO A 2 7.64 -1.81 2.41
C 4FO A 2 6.50 -1.37 1.50
O 4FO A 2 6.14 -2.11 0.57
CB 4FO A 2 8.95 -1.08 2.02
CG 4FO A 2 9.09 0.43 2.34
NZ 4FO A 2 8.55 1.31 1.24
H2 4FO A 2 7.79 -0.83 4.34
HA 4FO A 2 7.78 -2.90 2.24
HB2 4FO A 2 9.82 -1.62 2.47
HB3 4FO A 2 9.07 -1.20 0.92
HG3 4FO A 2 10.14 0.70 2.57
HG2 4FO A 2 8.48 0.65 3.26
HZ3 4FO A 2 7.93 0.77 0.60
HZ2 4FO A 2 8.06 2.15 1.64
HZ1 4FO A 2 9.37 1.65 0.68
N GLY A 3 5.95 -0.19 1.72
CA GLY A 3 4.87 0.31 0.90
C GLY A 3 5.31 1.45 0.00
N DSN A 4 5.68 1.13 -1.23
CA DSN A 4 6.12 2.14 -2.18
C DSN A 4 5.02 3.15 -2.45
O DSN A 4 5.28 4.28 -2.87
CB DSN A 4 7.37 2.85 -1.66
OG DSN A 4 7.03 4.01 -0.93
H DSN A 4 5.67 0.18 -1.50
HA DSN A 4 6.36 1.63 -3.11
HB2 DSN A 4 8.00 3.14 -2.50
HB3 DSN A 4 7.93 2.19 -1.02
HG DSN A 4 7.62 4.10 -0.17
N DTR A 5 3.78 2.74 -2.20
CA DTR A 5 2.63 3.62 -2.41
CB DTR A 5 2.20 4.26 -1.09
CG DTR A 5 0.80 3.90 -0.68
CD1 DTR A 5 0.40 2.76 -0.04
NE1 DTR A 5 -0.95 2.79 0.17
CE2 DTR A 5 -1.46 3.96 -0.33
CZ2 DTR A 5 -2.76 4.44 -0.36
CH2 DTR A 5 -2.98 5.66 -0.94
CZ3 DTR A 5 -1.92 6.40 -1.48
CE3 DTR A 5 -0.63 5.93 -1.46
CD2 DTR A 5 -0.38 4.68 -0.88
C DTR A 5 1.46 2.85 -3.01
O DTR A 5 1.38 1.62 -2.89
H DTR A 5 3.63 1.84 -1.87
HA DTR A 5 2.93 4.39 -3.10
HB2 DTR A 5 2.25 5.34 -1.19
HB3 DTR A 5 2.87 3.94 -0.31
HD1 DTR A 5 1.08 1.96 0.25
HE1 DTR A 5 -1.46 2.09 0.61
HZ2 DTR A 5 -3.59 3.88 0.07
HH2 DTR A 5 -3.98 6.07 -0.98
HZ3 DTR A 5 -2.14 7.36 -1.93
HE3 DTR A 5 0.17 6.51 -1.89
N SER A 6 0.56 3.56 -3.68
CA SER A 6 -0.60 2.95 -4.30
C SER A 6 -0.23 2.26 -5.61
N DAB A 7 -0.18 0.90 -5.58
CA DAB A 7 0.07 0.05 -6.76
C DAB A 7 -0.56 -1.33 -6.58
O DAB A 7 -0.06 -2.36 -6.94
CB DAB A 7 1.59 -0.08 -7.04
CG DAB A 7 2.34 1.14 -7.62
ND DAB A 7 3.66 0.78 -8.26
H DAB A 7 -0.40 0.46 -4.68
HA DAB A 7 -0.41 0.50 -7.66
HB2 DAB A 7 1.77 -0.97 -7.69
HB3 DAB A 7 2.07 -0.33 -6.06
HG2 DAB A 7 2.57 1.85 -6.79
HG3 DAB A 7 1.71 1.69 -8.36
HD1 DAB A 7 4.34 0.45 -7.53
HD2 DAB A 7 3.49 -0.03 -8.90
HZ1 DAB A 7 4.04 1.57 -8.82
N 4FO A 8 -1.77 -1.38 -5.97
CA 4FO A 8 -2.46 -2.63 -5.62
C 4FO A 8 -1.52 -3.60 -4.91
O 4FO A 8 -1.04 -4.55 -5.53
CB 4FO A 8 -3.70 -2.35 -4.73
CG 4FO A 8 -4.89 -1.58 -5.35
NZ 4FO A 8 -5.81 -2.48 -6.15
H2 4FO A 8 -2.16 -0.49 -5.67
HA 4FO A 8 -2.82 -3.15 -6.53
HB2 4FO A 8 -4.07 -3.30 -4.29
HB3 4FO A 8 -3.33 -1.74 -3.86
HG3 4FO A 8 -4.55 -0.73 -5.98
HG2 4FO A 8 -5.51 -1.16 -4.52
HZ3 4FO A 8 -6.79 -2.44 -5.78
HZ2 4FO A 8 -5.77 -2.23 -7.17
HZ1 4FO A 8 -5.48 -3.47 -6.04
N PHE A 9 -1.27 -3.38 -3.63
CA PHE A 9 -0.39 -4.25 -2.86
C PHE A 9 -1.16 -4.97 -1.75
N GLU A 10 -2.43 -5.25 -2.00
CA GLU A 10 -3.28 -5.92 -1.02
C GLU A 10 -3.46 -5.06 0.22
N VAL A 11 -4.00 -3.87 0.04
CA VAL A 11 -4.24 -2.95 1.15
C VAL A 11 -5.28 -3.50 2.11
N 28J A 12 -5.63 -2.70 3.15
CA 28J A 12 -6.53 -3.11 4.23
CB 28J A 12 -8.01 -2.97 3.80
CG2 28J A 12 -8.92 -3.80 4.71
CG1 28J A 12 -8.43 -1.50 3.75
CD1 28J A 12 -9.59 -1.21 2.80
C 28J A 12 -6.22 -2.36 5.53
O 28J A 12 -5.61 -1.28 5.54
H 28J A 12 -5.15 -1.79 3.19
HA 28J A 12 -6.35 -4.18 4.48
H22 28J A 12 -8.10 -3.38 2.76
H23 28J A 12 -8.96 -3.40 5.74
H24 28J A 12 -9.97 -3.82 4.33
H25 28J A 12 -8.58 -4.87 4.77
H26 28J A 12 -8.71 -1.14 4.77
H27 28J A 12 -7.56 -0.87 3.42
H28 28J A 12 -9.25 -0.82 1.81
H29 28J A 12 -10.17 -2.14 2.58
H30 28J A 12 -10.30 -0.47 3.23
N ALA A 13 -6.67 -2.94 6.65
CA ALA A 13 -6.45 -2.35 7.96
C ALA A 13 -5.21 -2.93 8.62
N 4N3 A 1 4.76 -1.17 9.12
CA 4N3 A 1 4.18 -0.19 8.21
CB 4N3 A 1 2.65 -0.08 8.40
CG1 4N3 A 1 1.98 -1.41 8.06
CG2 4N3 A 1 2.09 1.05 7.54
C 4N3 A 1 4.48 -0.55 6.75
O 4N3 A 1 4.54 -1.67 6.32
CO1 4N3 A 1 5.10 -0.84 10.36
O2 4N3 A 1 4.36 -0.99 11.33
CD 4N3 A 1 6.52 -0.26 10.56
CE 4N3 A 1 7.56 -1.21 9.92
CF 4N3 A 1 7.77 -0.83 8.45
CH 4N3 A 1 9.01 -1.55 7.90
CI 4N3 A 1 10.27 -0.74 8.24
CJ 4N3 A 1 11.52 -1.66 8.17
CK 4N3 A 1 12.79 -0.79 8.14
H1 4N3 A 1 4.90 -2.08 8.82
HA 4N3 A 1 4.62 0.77 8.43
HB 4N3 A 1 2.46 0.14 9.44
HG13 4N3 A 1 2.17 -1.64 7.02
HG11 4N3 A 1 0.92 -1.32 8.21
HG12 4N3 A 1 2.37 -2.18 8.68
HG22 4N3 A 1 1.37 1.61 8.13
HG23 4N3 A 1 1.61 0.64 6.68
HG21 4N3 A 1 2.89 1.70 7.24
HD2 4N3 A 1 6.58 0.72 10.07
HD1 4N3 A 1 6.73 -0.14 11.62
HE1 4N3 A 1 8.50 -1.13 10.46
HE2 4N3 A 1 7.19 -2.23 9.98
HF2 4N3 A 1 7.92 0.25 8.37
HF1 4N3 A 1 6.90 -1.12 7.86
HH1 4N3 A 1 8.92 -1.67 6.82
HH2 4N3 A 1 9.08 -2.54 8.36
HI1 4N3 A 1 10.39 0.07 7.52
HI2 4N3 A 1 10.18 -0.32 9.24
HJ1 4N3 A 1 11.46 -2.27 7.27
HJ2 4N3 A 1 11.53 -2.30 9.05
HK3 4N3 A 1 13.25 -0.79 9.12
HK2 4N3 A 1 12.52 0.22 7.85
HK1 4N3 A 1 13.48 -1.20 7.40
N 4FO A 2 4.69 0.49 5.92
CA 4FO A 2 4.89 0.36 4.46
C 4FO A 2 3.95 1.29 3.70
O 4FO A 2 2.97 1.76 4.25
CB 4FO A 2 6.37 0.63 4.08
CG 4FO A 2 6.84 2.11 4.01
NZ 4FO A 2 6.99 2.61 2.59
H2 4FO A 2 4.63 1.43 6.33
HA 4FO A 2 4.64 -0.68 4.14
HB2 4FO A 2 7.03 0.07 4.77
HB3 4FO A 2 6.52 0.18 3.07
HG3 4FO A 2 7.80 2.24 4.56
HG2 4FO A 2 6.08 2.75 4.50
HZ3 4FO A 2 6.07 2.94 2.22
HZ2 4FO A 2 7.72 3.36 2.54
HZ1 4FO A 2 7.31 1.82 1.99
N GLY A 3 4.26 1.53 2.42
CA GLY A 3 3.43 2.39 1.61
C GLY A 3 4.20 3.11 0.52
N DSN A 4 5.15 2.40 -0.09
CA DSN A 4 5.97 2.98 -1.15
C DSN A 4 5.09 3.51 -2.28
O DSN A 4 5.48 4.44 -3.00
CB DSN A 4 6.84 4.10 -0.59
OG DSN A 4 6.17 5.34 -0.64
H DSN A 4 5.29 1.47 0.17
HA DSN A 4 6.61 2.20 -1.54
HB2 DSN A 4 7.74 4.18 -1.17
HB3 DSN A 4 7.10 3.88 0.44
HG DSN A 4 6.80 6.05 -0.67
N DTR A 5 3.92 2.92 -2.44
CA DTR A 5 2.99 3.33 -3.49
CB DTR A 5 2.27 4.62 -3.08
CG DTR A 5 0.99 4.38 -2.34
CD1 DTR A 5 0.82 3.60 -1.23
NE1 DTR A 5 -0.49 3.63 -0.83
CE2 DTR A 5 -1.20 4.43 -1.69
CZ2 DTR A 5 -2.55 4.76 -1.70
CH2 DTR A 5 -3.00 5.59 -2.69
CZ3 DTR A 5 -2.12 6.10 -3.66
CE3 DTR A 5 -0.77 5.77 -3.65
CD2 DTR A 5 -0.30 4.92 -2.65
C DTR A 5 1.97 2.23 -3.77
O DTR A 5 2.02 1.15 -3.18
H DTR A 5 3.67 2.18 -1.84
HA DTR A 5 3.56 3.52 -4.39
HB2 DTR A 5 2.03 5.19 -3.97
HB3 DTR A 5 2.93 5.20 -2.45
HD1 DTR A 5 1.62 3.05 -0.74
HE1 DTR A 5 -0.86 3.15 -0.06
HZ2 DTR A 5 -3.23 4.38 -0.95
HH2 DTR A 5 -4.03 5.88 -2.73
HZ3 DTR A 5 -2.50 6.76 -4.43
HE3 DTR A 5 -0.12 6.17 -4.41
N SER A 6 1.05 2.51 -4.69
CA SER A 6 0.01 1.55 -5.05
C SER A 6 0.51 0.59 -6.12
N DAB A 7 0.94 -0.63 -5.68
CA DAB A 7 1.35 -1.72 -6.56
C DAB A 7 0.92 -3.08 -6.00
O DAB A 7 1.47 -4.12 -6.24
CB DAB A 7 2.88 -1.69 -6.80
CG DAB A 7 3.46 -0.62 -7.75
ND DAB A 7 4.89 -0.90 -8.17
H DAB A 7 0.87 -0.79 -4.68
HA DAB A 7 0.85 -1.64 -7.56
HB2 DAB A 7 3.22 -2.70 -7.14
HB3 DAB A 7 3.35 -1.54 -5.80
HG2 DAB A 7 3.47 0.36 -7.22
HG3 DAB A 7 2.82 -0.50 -8.66
HD1 DAB A 7 4.96 -1.00 -9.20
HD2 DAB A 7 5.47 -0.08 -7.89
HZ1 DAB A 7 5.26 -1.74 -7.66
N 4FO A 8 -0.14 -3.08 -5.15
CA 4FO A 8 -0.61 -4.28 -4.43
C 4FO A 8 0.39 -4.68 -3.35
O 4FO A 8 1.14 -5.64 -3.53
CB 4FO A 8 -2.00 -4.03 -3.80
CG 4FO A 8 -3.22 -3.91 -4.76
NZ 4FO A 8 -4.55 -4.00 -4.03
H2 4FO A 8 -0.56 -2.18 -4.97
HA 4FO A 8 -0.68 -5.15 -5.12
HB2 4FO A 8 -2.22 -4.83 -3.05
HB3 4FO A 8 -1.93 -3.08 -3.22
HG3 4FO A 8 -3.19 -4.67 -5.57
HG2 4FO A 8 -3.19 -2.90 -5.23
HZ3 4FO A 8 -4.43 -4.48 -3.11
HZ2 4FO A 8 -4.98 -3.05 -3.93
HZ1 4FO A 8 -5.19 -4.59 -4.61
N PHE A 9 0.39 -3.98 -2.22
CA PHE A 9 1.28 -4.29 -1.11
C PHE A 9 0.50 -4.69 0.13
N GLU A 10 -0.62 -5.39 -0.07
CA GLU A 10 -1.46 -5.82 1.05
C GLU A 10 -2.03 -4.62 1.79
N VAL A 11 -2.76 -3.78 1.07
CA VAL A 11 -3.38 -2.60 1.67
C VAL A 11 -4.90 -2.69 1.66
N 28J A 12 -5.52 -2.45 2.84
CA 28J A 12 -6.97 -2.61 3.03
CB 28J A 12 -7.75 -1.54 2.24
CG2 28J A 12 -9.27 -1.83 2.27
CG1 28J A 12 -7.43 -0.12 2.74
CD1 28J A 12 -7.87 1.00 1.79
C 28J A 12 -7.34 -2.62 4.52
O 28J A 12 -7.08 -1.68 5.26
H 28J A 12 -4.92 -2.23 3.62
HA 28J A 12 -7.29 -3.61 2.67
H22 28J A 12 -7.42 -1.60 1.17
H23 28J A 12 -9.70 -1.60 3.26
H24 28J A 12 -9.81 -1.21 1.53
H25 28J A 12 -9.48 -2.89 2.05
H26 28J A 12 -7.89 0.04 3.74
H27 28J A 12 -6.32 -0.03 2.88
H28 28J A 12 -7.35 1.96 2.02
H29 28J A 12 -7.63 0.74 0.74
H30 28J A 12 -8.96 1.17 1.86
N ALA A 13 -7.96 -3.72 4.94
CA ALA A 13 -8.37 -3.88 6.33
C ALA A 13 -8.81 -5.31 6.61
#